data_8TQM
#
_entry.id   8TQM
#
loop_
_entity.id
_entity.type
_entity.pdbx_description
1 polymer 'ERAD-associated E3 ubiquitin-protein ligase DOA10'
2 non-polymer 1,2-DIACYL-SN-GLYCERO-3-PHOSPHOCHOLINE
3 non-polymer TRISTEAROYLGLYCEROL
4 non-polymer 'CHOLESTEROL HEMISUCCINATE'
5 non-polymer ERGOSTEROL
#
_entity_poly.entity_id   1
_entity_poly.type   'polypeptide(L)'
_entity_poly.pdbx_seq_one_letter_code
;MDVDSDVNVSRLRDELHKVANEETDTATFNDDAPSGATCRICRGEATEDNPLFHPCKCRGSIKYMHESCLLEWVASKNID
ISKPGADVKCDICHYPIQFKTIYAENMPEKIPFSLLLSKSILTFFEKARLALTIGLAAVLYIIGVPLVWNMFGKLYTMML
DGSSPYPGDFLKSLIYGYDQSATPELTTRAIFYQLLQNHSFTSLQFIMIVILHIALYFQYDMIVREDVFSKMVFHKIGPR
LSPKDLKSRLKERFPMMDDRMVEYLAREMRAHDENRQEQGHDRLNMPAAAADNNNNVINPRNDNVPPQDPNDHRNFENLR
HVDELDHDEATEEHENNDSDNSLPSGDDSSRILPGSSSDNEEDEEAEGQQQQQQPEEEADYRDHIEPNPIDMWANRRAQN
EFDDLIAAQQNAINRPNAPVFIPPPAQNRAGNVDQDEQDFGAAVGVPPAQANPDDQGQGPLVINLKLKLLNVIAYFIIAV
VFTAIYLAISYLFPTFIGFGLLKIYFGIFKVILRGLCHLYYLSGAHIAYNGLTKLVPKVDVAMSWISDHLIHDIIYLYNG
YTENTMKHSIFIRALPALTTYLTSVSIVCASSNLVSRGYGRENGMSNPTRRLIFQILFALKCTFKVFTLFFIELAGFPIL
AGVMLDFSLFCPILASNSRMLWVPSICAIWPPFSLFVYWTIGTLYMYWFAKYIGMIRKNIIRPGVLFFIRSPEDPNIKIL
HDSLIHPMSIQLSRLCLSMFIYAIFIVLGFGFHTRIFFPFMLKSNLLSVPEAYKPTSIISWKFNTILLTLYFTKRILESS
SYVKPLLERYWKTIFKLCSRKLRLSSFILGKDTPTERGHIVYRNLFYKYIAAKNAEWSNQELFTKPKTLEQAEELFGQVR
DVHAYFVPDGVLMRVPSSDIVSRNYVQTMFVPVTKDDKLLKPLDLERIKERNKRAAGEFGYLDEQNTEYDQYYIVYVPPD
FRLRYMTLLGLVWLFASILMLGVTFISQALINFVCSFGFLPVVKLLLGERNKVYVAWKELSDISYSYLNIYYVCVGSVCL
SKIAKDILHFTEGQNTLDEHAVDENEVEEVEHDIPERDINNAPVNNINNVEEGQGIFMAIFNSIFDSMLVKYNLMVFIAI
MIAVIRTMVSWVVLTDGILACYNYLTIRVFGNSSYTIGNSKWFKYDESLLFVVWIISSMVNFGTGYKSLKLFFRNRNTSK
LNFLKTMALELFKQGFLHMVIYVLPIIILSLVFLRDVSTKQIIDISHGSRSFTLSLNESFPTWTRMQDIYFGLLIALESF
TFFFQATVLFIQWFKSTVQNVKDEVYTKGRALENLPDES
;
_entity_poly.pdbx_strand_id   A
#
# COMPACT_ATOMS: atom_id res chain seq x y z
N PHE A 113 56.37 19.75 24.08
CA PHE A 113 55.36 19.80 23.02
C PHE A 113 55.65 18.79 21.91
N SER A 114 56.94 18.54 21.66
CA SER A 114 57.34 17.72 20.52
C SER A 114 56.85 16.28 20.64
N LEU A 115 56.90 15.71 21.84
CA LEU A 115 56.58 14.29 22.01
C LEU A 115 55.13 14.00 21.60
N LEU A 116 54.16 14.55 22.32
CA LEU A 116 52.78 14.24 21.96
C LEU A 116 52.35 15.03 20.74
N LEU A 117 53.16 16.00 20.31
CA LEU A 117 52.94 16.59 18.99
C LEU A 117 53.15 15.56 17.89
N SER A 118 54.27 14.84 17.95
CA SER A 118 54.51 13.75 17.00
C SER A 118 53.48 12.64 17.18
N LYS A 119 53.08 12.38 18.43
CA LYS A 119 52.02 11.39 18.65
C LYS A 119 50.71 11.83 18.01
N SER A 120 50.38 13.12 18.08
CA SER A 120 49.17 13.63 17.44
C SER A 120 49.28 13.58 15.93
N ILE A 121 50.48 13.81 15.39
CA ILE A 121 50.69 13.62 13.97
C ILE A 121 50.45 12.17 13.58
N LEU A 122 50.89 11.24 14.43
CA LEU A 122 50.60 9.82 14.20
C LEU A 122 49.11 9.55 14.24
N THR A 123 48.39 10.18 15.17
CA THR A 123 46.95 10.02 15.23
C THR A 123 46.27 10.57 13.97
N PHE A 124 46.76 11.71 13.47
CA PHE A 124 46.23 12.25 12.22
C PHE A 124 46.52 11.30 11.05
N PHE A 125 47.70 10.68 11.05
CA PHE A 125 48.01 9.69 10.04
C PHE A 125 47.06 8.50 10.13
N GLU A 126 46.76 8.05 11.34
CA GLU A 126 45.82 6.95 11.51
C GLU A 126 44.43 7.35 11.02
N LYS A 127 44.02 8.58 11.32
CA LYS A 127 42.74 9.06 10.85
C LYS A 127 42.71 9.03 9.32
N ALA A 128 43.74 9.59 8.71
CA ALA A 128 43.80 9.66 7.25
C ALA A 128 43.79 8.25 6.65
N ARG A 129 44.53 7.32 7.23
CA ARG A 129 44.55 5.96 6.75
C ARG A 129 43.16 5.33 6.85
N LEU A 130 42.50 5.52 8.00
CA LEU A 130 41.16 4.97 8.17
C LEU A 130 40.17 5.61 7.21
N ALA A 131 40.27 6.92 7.01
CA ALA A 131 39.36 7.61 6.09
C ALA A 131 39.57 7.12 4.67
N LEU A 132 40.82 6.96 4.26
CA LEU A 132 41.10 6.47 2.91
C LEU A 132 40.62 5.03 2.74
N THR A 133 40.86 4.18 3.73
CA THR A 133 40.42 2.80 3.64
C THR A 133 38.90 2.70 3.56
N ILE A 134 38.20 3.46 4.40
CA ILE A 134 36.75 3.46 4.36
C ILE A 134 36.22 4.03 3.05
N GLY A 135 36.78 5.16 2.60
CA GLY A 135 36.31 5.78 1.37
C GLY A 135 36.54 4.96 0.13
N LEU A 136 37.73 4.39 -0.03
CA LEU A 136 37.99 3.55 -1.18
C LEU A 136 37.11 2.31 -1.16
N ALA A 137 37.00 1.67 0.00
CA ALA A 137 36.16 0.48 0.10
C ALA A 137 34.71 0.81 -0.22
N ALA A 138 34.22 1.93 0.31
CA ALA A 138 32.84 2.33 0.07
C ALA A 138 32.61 2.63 -1.41
N VAL A 139 33.49 3.42 -2.02
CA VAL A 139 33.27 3.79 -3.42
C VAL A 139 33.34 2.55 -4.30
N LEU A 140 34.30 1.65 -4.04
CA LEU A 140 34.38 0.43 -4.82
C LEU A 140 33.12 -0.41 -4.65
N TYR A 141 32.76 -0.75 -3.41
CA TYR A 141 31.64 -1.65 -3.16
C TYR A 141 30.29 -1.04 -3.50
N ILE A 142 30.21 0.29 -3.65
CA ILE A 142 28.92 0.89 -3.97
C ILE A 142 28.80 1.21 -5.46
N ILE A 143 29.90 1.48 -6.14
CA ILE A 143 29.88 1.83 -7.57
C ILE A 143 30.35 0.67 -8.43
N GLY A 144 31.57 0.20 -8.21
CA GLY A 144 32.13 -0.81 -9.11
C GLY A 144 31.36 -2.11 -9.07
N VAL A 145 31.01 -2.58 -7.86
CA VAL A 145 30.31 -3.86 -7.74
C VAL A 145 28.99 -3.85 -8.48
N PRO A 146 28.10 -2.87 -8.32
CA PRO A 146 26.93 -2.81 -9.21
C PRO A 146 27.31 -2.63 -10.67
N LEU A 147 28.34 -1.84 -10.96
CA LEU A 147 28.75 -1.66 -12.35
C LEU A 147 29.42 -2.91 -12.90
N VAL A 148 30.19 -3.63 -12.09
CA VAL A 148 30.75 -4.91 -12.55
C VAL A 148 29.63 -5.89 -12.81
N TRP A 149 28.64 -5.94 -11.92
CA TRP A 149 27.47 -6.79 -12.13
C TRP A 149 26.78 -6.44 -13.44
N ASN A 150 26.57 -5.16 -13.70
CA ASN A 150 25.85 -4.76 -14.90
C ASN A 150 26.66 -5.05 -16.16
N MET A 151 27.97 -4.82 -16.10
CA MET A 151 28.82 -5.14 -17.24
C MET A 151 28.81 -6.63 -17.53
N PHE A 152 28.83 -7.46 -16.49
CA PHE A 152 28.76 -8.89 -16.71
C PHE A 152 27.40 -9.30 -17.27
N GLY A 153 26.34 -8.66 -16.80
CA GLY A 153 25.02 -8.93 -17.36
C GLY A 153 24.95 -8.60 -18.84
N LYS A 154 25.48 -7.44 -19.21
CA LYS A 154 25.52 -7.05 -20.62
C LYS A 154 26.37 -8.02 -21.43
N LEU A 155 27.51 -8.45 -20.89
CA LEU A 155 28.36 -9.38 -21.59
C LEU A 155 27.65 -10.72 -21.80
N TYR A 156 26.94 -11.19 -20.78
CA TYR A 156 26.22 -12.46 -20.93
C TYR A 156 25.07 -12.33 -21.92
N THR A 157 24.38 -11.19 -21.93
CA THR A 157 23.33 -10.98 -22.92
C THR A 157 23.92 -10.98 -24.33
N MET A 158 25.09 -10.35 -24.50
CA MET A 158 25.75 -10.36 -25.79
C MET A 158 26.13 -11.79 -26.19
N MET A 159 26.62 -12.58 -25.23
CA MET A 159 26.96 -13.97 -25.53
C MET A 159 25.72 -14.75 -25.96
N LEU A 160 24.59 -14.53 -25.29
CA LEU A 160 23.36 -15.20 -25.66
C LEU A 160 22.91 -14.81 -27.07
N ASP A 161 22.89 -13.51 -27.34
CA ASP A 161 22.48 -13.06 -28.67
C ASP A 161 23.55 -13.37 -29.72
N GLY A 162 24.82 -13.34 -29.31
CA GLY A 162 25.90 -13.57 -30.24
C GLY A 162 26.42 -12.34 -30.96
N SER A 163 25.87 -11.17 -30.66
CA SER A 163 26.30 -9.95 -31.32
C SER A 163 26.09 -8.78 -30.38
N SER A 164 27.00 -7.84 -30.41
CA SER A 164 26.90 -6.68 -29.55
C SER A 164 25.95 -5.65 -30.15
N PRO A 165 25.31 -4.84 -29.32
CA PRO A 165 24.47 -3.76 -29.87
C PRO A 165 25.24 -2.81 -30.75
N TYR A 166 26.49 -2.53 -30.39
CA TYR A 166 27.38 -1.69 -31.20
C TYR A 166 28.59 -2.53 -31.58
N PRO A 167 28.61 -3.14 -32.76
CA PRO A 167 29.70 -4.06 -33.10
C PRO A 167 31.05 -3.36 -33.09
N GLY A 168 32.07 -4.09 -32.65
CA GLY A 168 33.42 -3.56 -32.59
C GLY A 168 33.70 -2.75 -31.35
N ASP A 169 32.88 -1.72 -31.12
CA ASP A 169 33.06 -0.89 -29.93
C ASP A 169 32.37 -1.54 -28.74
N PHE A 170 33.15 -2.12 -27.85
CA PHE A 170 32.56 -2.81 -26.70
C PHE A 170 32.37 -1.89 -25.49
N LEU A 171 33.10 -0.79 -25.43
CA LEU A 171 32.89 0.14 -24.33
C LEU A 171 31.49 0.71 -24.38
N LYS A 172 31.09 1.24 -25.53
CA LYS A 172 29.76 1.77 -25.66
C LYS A 172 28.78 0.65 -25.41
N SER A 173 29.12 -0.56 -25.84
CA SER A 173 28.26 -1.71 -25.60
C SER A 173 28.17 -2.03 -24.11
N LEU A 174 29.27 -1.83 -23.40
CA LEU A 174 29.28 -2.11 -21.96
C LEU A 174 28.84 -0.90 -21.15
N ILE A 175 28.64 0.23 -21.82
CA ILE A 175 28.17 1.41 -21.14
C ILE A 175 26.68 1.63 -21.39
N TYR A 176 26.28 1.60 -22.66
CA TYR A 176 24.88 1.81 -22.99
C TYR A 176 24.12 0.50 -23.13
N GLY A 177 24.74 -0.50 -23.74
CA GLY A 177 24.11 -1.80 -23.89
C GLY A 177 22.89 -1.74 -24.77
N TYR A 178 21.91 -2.57 -24.40
CA TYR A 178 20.67 -2.66 -25.15
C TYR A 178 19.67 -1.60 -24.68
N ASP A 179 20.00 -0.34 -24.86
CA ASP A 179 19.12 0.75 -24.47
C ASP A 179 18.51 1.41 -25.70
N GLN A 180 17.45 2.19 -25.48
CA GLN A 180 16.73 2.83 -26.57
C GLN A 180 17.35 4.15 -27.01
N SER A 181 18.41 4.60 -26.36
CA SER A 181 19.07 5.83 -26.79
C SER A 181 19.73 5.63 -28.15
N ALA A 182 19.25 6.36 -29.14
CA ALA A 182 19.73 6.17 -30.51
C ALA A 182 21.11 6.79 -30.68
N THR A 183 22.11 5.93 -30.90
CA THR A 183 23.51 6.29 -31.10
C THR A 183 23.96 7.38 -30.12
N PRO A 184 23.95 7.10 -28.82
CA PRO A 184 24.38 8.12 -27.85
C PRO A 184 25.87 8.40 -27.97
N GLU A 185 26.23 9.64 -27.67
CA GLU A 185 27.62 10.04 -27.82
C GLU A 185 28.41 9.64 -26.57
N LEU A 186 29.74 9.62 -26.73
CA LEU A 186 30.64 9.19 -25.69
C LEU A 186 31.00 10.34 -24.73
N THR A 187 30.15 11.36 -24.65
CA THR A 187 30.41 12.52 -23.79
C THR A 187 30.52 12.09 -22.33
N THR A 188 31.46 12.72 -21.62
CA THR A 188 31.66 12.40 -20.21
C THR A 188 30.40 12.64 -19.40
N ARG A 189 29.67 13.72 -19.71
CA ARG A 189 28.40 13.97 -19.04
C ARG A 189 27.37 12.89 -19.39
N ALA A 190 27.29 12.54 -20.67
CA ALA A 190 26.40 11.47 -21.10
C ALA A 190 26.82 10.14 -20.46
N ILE A 191 28.13 9.89 -20.40
CA ILE A 191 28.62 8.67 -19.75
C ILE A 191 28.21 8.64 -18.28
N PHE A 192 28.32 9.78 -17.60
CA PHE A 192 27.96 9.84 -16.18
C PHE A 192 26.47 9.58 -15.98
N TYR A 193 25.63 10.18 -16.83
CA TYR A 193 24.19 9.93 -16.72
C TYR A 193 23.87 8.46 -16.99
N GLN A 194 24.51 7.88 -18.02
CA GLN A 194 24.27 6.48 -18.34
C GLN A 194 24.72 5.57 -17.19
N LEU A 195 25.86 5.86 -16.59
CA LEU A 195 26.34 5.03 -15.49
C LEU A 195 25.45 5.18 -14.26
N LEU A 196 24.91 6.37 -14.03
CA LEU A 196 23.95 6.53 -12.95
C LEU A 196 22.72 5.67 -13.20
N GLN A 197 22.21 5.68 -14.43
CA GLN A 197 21.07 4.84 -14.77
C GLN A 197 21.38 3.35 -14.63
N ASN A 198 22.57 2.95 -15.07
CA ASN A 198 22.97 1.54 -14.94
C ASN A 198 23.09 1.14 -13.49
N HIS A 199 23.67 2.01 -12.66
CA HIS A 199 23.77 1.73 -11.24
C HIS A 199 22.40 1.60 -10.61
N SER A 200 21.47 2.47 -10.98
CA SER A 200 20.11 2.37 -10.46
C SER A 200 19.46 1.05 -10.85
N PHE A 201 19.61 0.66 -12.12
CA PHE A 201 19.03 -0.59 -12.60
C PHE A 201 19.60 -1.78 -11.84
N THR A 202 20.93 -1.83 -11.69
CA THR A 202 21.55 -2.96 -11.03
C THR A 202 21.24 -2.98 -9.54
N SER A 203 21.13 -1.80 -8.92
CA SER A 203 20.72 -1.76 -7.51
C SER A 203 19.32 -2.31 -7.34
N LEU A 204 18.42 -1.95 -8.25
CA LEU A 204 17.06 -2.48 -8.19
C LEU A 204 17.06 -3.99 -8.35
N GLN A 205 17.81 -4.50 -9.31
CA GLN A 205 17.87 -5.95 -9.51
C GLN A 205 18.41 -6.65 -8.28
N PHE A 206 19.48 -6.13 -7.71
CA PHE A 206 20.10 -6.76 -6.55
C PHE A 206 19.18 -6.72 -5.34
N ILE A 207 18.49 -5.59 -5.15
CA ILE A 207 17.56 -5.47 -4.03
C ILE A 207 16.43 -6.48 -4.18
N MET A 208 15.88 -6.61 -5.39
CA MET A 208 14.79 -7.55 -5.62
C MET A 208 15.25 -8.98 -5.37
N ILE A 209 16.45 -9.33 -5.87
CA ILE A 209 16.94 -10.69 -5.69
C ILE A 209 17.18 -11.00 -4.23
N VAL A 210 17.80 -10.07 -3.51
CA VAL A 210 18.08 -10.28 -2.09
C VAL A 210 16.78 -10.41 -1.30
N ILE A 211 15.80 -9.56 -1.58
CA ILE A 211 14.54 -9.62 -0.88
C ILE A 211 13.84 -10.94 -1.15
N LEU A 212 13.85 -11.39 -2.40
CA LEU A 212 13.23 -12.66 -2.74
C LEU A 212 13.90 -13.82 -2.00
N HIS A 213 15.23 -13.84 -1.98
CA HIS A 213 15.94 -14.91 -1.29
C HIS A 213 15.64 -14.89 0.20
N ILE A 214 15.63 -13.70 0.80
CA ILE A 214 15.37 -13.60 2.24
C ILE A 214 13.96 -14.07 2.55
N ALA A 215 12.98 -13.65 1.75
CA ALA A 215 11.60 -14.05 2.00
C ALA A 215 11.44 -15.56 1.87
N LEU A 216 12.03 -16.16 0.84
CA LEU A 216 11.93 -17.59 0.66
C LEU A 216 12.59 -18.35 1.81
N TYR A 217 13.76 -17.88 2.25
CA TYR A 217 14.44 -18.57 3.35
C TYR A 217 13.63 -18.45 4.64
N PHE A 218 13.04 -17.28 4.88
CA PHE A 218 12.22 -17.10 6.07
C PHE A 218 11.00 -18.02 6.03
N GLN A 219 10.35 -18.12 4.87
CA GLN A 219 9.21 -19.02 4.75
C GLN A 219 9.63 -20.46 5.00
N TYR A 220 10.78 -20.86 4.44
CA TYR A 220 11.27 -22.21 4.65
C TYR A 220 11.54 -22.48 6.12
N ASP A 221 12.18 -21.53 6.81
CA ASP A 221 12.49 -21.71 8.21
C ASP A 221 11.22 -21.81 9.05
N MET A 222 10.26 -20.92 8.79
CA MET A 222 9.03 -20.93 9.57
C MET A 222 8.26 -22.23 9.36
N ILE A 223 8.21 -22.71 8.12
CA ILE A 223 7.48 -23.95 7.85
C ILE A 223 8.19 -25.14 8.48
N VAL A 224 9.52 -25.19 8.38
CA VAL A 224 10.26 -26.32 8.94
C VAL A 224 10.10 -26.36 10.45
N ARG A 225 10.18 -25.20 11.12
CA ARG A 225 10.04 -25.18 12.57
C ARG A 225 8.65 -25.59 13.02
N GLU A 226 7.67 -25.47 12.13
CA GLU A 226 6.28 -25.74 12.51
C GLU A 226 6.08 -27.23 12.81
N ASP A 227 5.32 -27.52 13.88
CA ASP A 227 5.10 -28.89 14.28
C ASP A 227 4.12 -29.60 13.36
N VAL A 228 3.08 -28.89 12.90
CA VAL A 228 2.12 -29.51 12.01
C VAL A 228 2.80 -29.91 10.71
N PHE A 229 3.87 -29.20 10.32
CA PHE A 229 4.64 -29.63 9.16
C PHE A 229 5.26 -31.00 9.40
N SER A 230 5.79 -31.22 10.60
CA SER A 230 6.32 -32.53 10.94
C SER A 230 5.22 -33.58 10.88
N LYS A 231 4.01 -33.22 11.33
CA LYS A 231 2.90 -34.18 11.25
C LYS A 231 2.54 -34.50 9.80
N MET A 232 2.54 -33.49 8.92
CA MET A 232 2.28 -33.75 7.51
C MET A 232 3.35 -34.67 6.91
N VAL A 233 4.61 -34.41 7.23
CA VAL A 233 5.69 -35.24 6.70
C VAL A 233 5.54 -36.67 7.19
N PHE A 234 5.26 -36.85 8.49
CA PHE A 234 5.09 -38.20 9.01
C PHE A 234 3.88 -38.88 8.39
N HIS A 235 2.84 -38.12 8.09
CA HIS A 235 1.68 -38.68 7.41
C HIS A 235 2.04 -39.18 6.02
N LYS A 236 2.86 -38.43 5.29
CA LYS A 236 3.17 -38.78 3.92
C LYS A 236 4.17 -39.93 3.83
N ILE A 237 5.34 -39.80 4.45
CA ILE A 237 6.33 -40.86 4.34
C ILE A 237 6.01 -42.02 5.26
N GLY A 238 5.58 -41.72 6.48
CA GLY A 238 5.33 -42.74 7.47
C GLY A 238 6.51 -42.91 8.42
N PRO A 239 6.32 -43.73 9.45
CA PRO A 239 7.39 -43.91 10.43
C PRO A 239 8.57 -44.67 9.87
N ARG A 240 9.72 -44.47 10.50
CA ARG A 240 10.94 -45.18 10.13
C ARG A 240 10.79 -46.68 10.33
N ILE A 463 52.73 1.10 7.03
CA ILE A 463 52.43 -0.04 6.18
C ILE A 463 51.08 -0.64 6.51
N ASN A 464 50.64 -0.45 7.75
CA ASN A 464 49.35 -1.00 8.17
C ASN A 464 48.26 -0.50 7.22
N LEU A 465 48.36 0.75 6.81
CA LEU A 465 47.39 1.28 5.86
C LEU A 465 47.41 0.43 4.62
N LYS A 466 48.61 0.14 4.11
CA LYS A 466 48.73 -0.67 2.93
C LYS A 466 48.11 -2.03 3.19
N LEU A 467 48.40 -2.59 4.35
CA LEU A 467 47.87 -3.91 4.68
C LEU A 467 46.35 -3.90 4.63
N LYS A 468 45.73 -2.89 5.22
CA LYS A 468 44.27 -2.80 5.21
C LYS A 468 43.76 -2.71 3.79
N LEU A 469 44.36 -1.83 2.99
CA LEU A 469 43.93 -1.68 1.61
C LEU A 469 44.06 -2.99 0.88
N LEU A 470 45.17 -3.68 1.07
CA LEU A 470 45.34 -4.98 0.44
C LEU A 470 44.12 -5.83 0.70
N ASN A 471 43.66 -5.83 1.94
CA ASN A 471 42.49 -6.63 2.30
C ASN A 471 41.27 -6.13 1.55
N VAL A 472 41.13 -4.82 1.44
CA VAL A 472 39.99 -4.24 0.75
C VAL A 472 39.99 -4.65 -0.72
N ILE A 473 41.15 -4.54 -1.37
CA ILE A 473 41.25 -4.88 -2.78
C ILE A 473 41.02 -6.38 -2.99
N ALA A 474 41.56 -7.20 -2.09
CA ALA A 474 41.35 -8.64 -2.20
C ALA A 474 39.88 -8.99 -2.06
N TYR A 475 39.20 -8.37 -1.09
CA TYR A 475 37.78 -8.62 -0.92
C TYR A 475 36.98 -8.14 -2.13
N PHE A 476 37.39 -7.01 -2.72
CA PHE A 476 36.71 -6.53 -3.91
C PHE A 476 36.89 -7.52 -5.07
N ILE A 477 38.09 -8.07 -5.23
CA ILE A 477 38.31 -9.04 -6.30
C ILE A 477 37.49 -10.30 -6.07
N ILE A 478 37.42 -10.75 -4.81
CA ILE A 478 36.57 -11.89 -4.50
C ILE A 478 35.12 -11.59 -4.81
N ALA A 479 34.67 -10.38 -4.49
CA ALA A 479 33.30 -9.99 -4.81
C ALA A 479 33.05 -9.99 -6.31
N VAL A 480 34.02 -9.50 -7.08
CA VAL A 480 33.87 -9.45 -8.53
C VAL A 480 33.77 -10.86 -9.11
N VAL A 481 34.67 -11.74 -8.69
CA VAL A 481 34.66 -13.10 -9.24
C VAL A 481 33.40 -13.84 -8.79
N PHE A 482 32.96 -13.59 -7.56
CA PHE A 482 31.72 -14.19 -7.08
C PHE A 482 30.53 -13.69 -7.89
N THR A 483 30.51 -12.40 -8.20
CA THR A 483 29.44 -11.84 -9.03
C THR A 483 29.46 -12.48 -10.41
N ALA A 484 30.64 -12.64 -11.00
CA ALA A 484 30.74 -13.26 -12.32
C ALA A 484 30.19 -14.67 -12.29
N ILE A 485 30.62 -15.48 -11.32
CA ILE A 485 30.18 -16.87 -11.25
C ILE A 485 28.68 -16.94 -10.99
N TYR A 486 28.19 -16.11 -10.06
CA TYR A 486 26.79 -16.18 -9.68
C TYR A 486 25.89 -15.74 -10.82
N LEU A 487 26.25 -14.65 -11.50
CA LEU A 487 25.52 -14.25 -12.69
C LEU A 487 25.58 -15.32 -13.77
N ALA A 488 26.72 -15.97 -13.95
CA ALA A 488 26.77 -17.10 -14.87
C ALA A 488 25.70 -18.12 -14.52
N ILE A 489 25.81 -18.73 -13.35
CA ILE A 489 24.93 -19.85 -12.99
C ILE A 489 23.47 -19.41 -12.86
N SER A 490 23.20 -18.13 -12.63
CA SER A 490 21.84 -17.68 -12.39
C SER A 490 21.17 -17.06 -13.60
N TYR A 491 21.92 -16.58 -14.58
CA TYR A 491 21.36 -15.94 -15.75
C TYR A 491 21.74 -16.64 -17.04
N LEU A 492 23.02 -16.97 -17.23
CA LEU A 492 23.47 -17.49 -18.52
C LEU A 492 22.90 -18.88 -18.78
N PHE A 493 23.24 -19.84 -17.93
CA PHE A 493 22.70 -21.19 -18.08
C PHE A 493 21.19 -21.23 -17.99
N PRO A 494 20.54 -20.57 -17.03
CA PRO A 494 19.08 -20.57 -17.03
C PRO A 494 18.48 -19.98 -18.31
N THR A 495 19.13 -18.98 -18.92
CA THR A 495 18.57 -18.40 -20.14
C THR A 495 18.72 -19.37 -21.32
N PHE A 496 19.82 -20.11 -21.39
CA PHE A 496 19.96 -21.08 -22.48
C PHE A 496 18.96 -22.21 -22.33
N ILE A 497 18.83 -22.75 -21.12
CA ILE A 497 17.82 -23.77 -20.87
C ILE A 497 16.42 -23.19 -21.10
N GLY A 498 16.27 -21.88 -20.87
CA GLY A 498 14.99 -21.25 -21.16
C GLY A 498 14.71 -21.19 -22.64
N PHE A 499 15.73 -20.90 -23.44
CA PHE A 499 15.57 -20.97 -24.89
C PHE A 499 15.06 -22.35 -25.29
N GLY A 500 15.74 -23.40 -24.80
CA GLY A 500 15.33 -24.74 -25.17
C GLY A 500 13.92 -25.08 -24.73
N LEU A 501 13.63 -24.89 -23.44
CA LEU A 501 12.33 -25.24 -22.90
C LEU A 501 11.22 -24.40 -23.50
N LEU A 502 11.49 -23.14 -23.79
CA LEU A 502 10.45 -22.27 -24.33
C LEU A 502 10.18 -22.60 -25.79
N LYS A 503 11.21 -23.02 -26.53
CA LYS A 503 10.96 -23.57 -27.86
C LYS A 503 10.09 -24.81 -27.80
N ILE A 504 10.40 -25.70 -26.85
CA ILE A 504 9.59 -26.92 -26.71
C ILE A 504 8.14 -26.55 -26.36
N TYR A 505 7.95 -25.61 -25.44
CA TYR A 505 6.61 -25.23 -25.03
C TYR A 505 5.86 -24.51 -26.14
N PHE A 506 6.56 -23.71 -26.96
CA PHE A 506 5.90 -23.12 -28.12
C PHE A 506 5.46 -24.20 -29.10
N GLY A 507 6.29 -25.24 -29.28
CA GLY A 507 5.87 -26.35 -30.13
C GLY A 507 4.64 -27.06 -29.59
N ILE A 508 4.61 -27.31 -28.28
CA ILE A 508 3.47 -27.97 -27.67
C ILE A 508 2.22 -27.10 -27.80
N PHE A 509 2.37 -25.80 -27.58
CA PHE A 509 1.25 -24.88 -27.73
C PHE A 509 0.75 -24.85 -29.16
N LYS A 510 1.66 -24.92 -30.13
CA LYS A 510 1.27 -25.01 -31.53
C LYS A 510 0.47 -26.27 -31.81
N VAL A 511 0.90 -27.39 -31.23
CA VAL A 511 0.17 -28.64 -31.41
C VAL A 511 -1.24 -28.52 -30.81
N ILE A 512 -1.34 -27.94 -29.61
CA ILE A 512 -2.64 -27.77 -28.98
C ILE A 512 -3.53 -26.86 -29.81
N LEU A 513 -2.96 -25.78 -30.35
CA LEU A 513 -3.74 -24.87 -31.18
C LEU A 513 -4.21 -25.56 -32.46
N ARG A 514 -3.37 -26.40 -33.05
CA ARG A 514 -3.77 -27.17 -34.22
C ARG A 514 -4.93 -28.10 -33.89
N GLY A 515 -4.84 -28.78 -32.74
CA GLY A 515 -5.94 -29.64 -32.32
C GLY A 515 -7.22 -28.86 -32.09
N LEU A 516 -7.12 -27.69 -31.46
CA LEU A 516 -8.31 -26.86 -31.24
C LEU A 516 -8.92 -26.39 -32.56
N CYS A 517 -8.07 -26.01 -33.52
CA CYS A 517 -8.58 -25.60 -34.83
C CYS A 517 -9.27 -26.77 -35.53
N HIS A 518 -8.69 -27.97 -35.44
CA HIS A 518 -9.32 -29.14 -36.03
C HIS A 518 -10.68 -29.41 -35.39
N LEU A 519 -10.76 -29.30 -34.07
CA LEU A 519 -12.04 -29.48 -33.38
C LEU A 519 -13.04 -28.42 -33.81
N TYR A 520 -12.60 -27.17 -33.93
CA TYR A 520 -13.46 -26.06 -34.31
C TYR A 520 -14.04 -26.28 -35.71
N TYR A 521 -13.20 -26.71 -36.65
CA TYR A 521 -13.67 -26.93 -38.01
C TYR A 521 -14.56 -28.16 -38.09
N LEU A 522 -14.20 -29.24 -37.38
CA LEU A 522 -14.96 -30.48 -37.48
C LEU A 522 -16.30 -30.38 -36.76
N SER A 544 -13.37 -8.37 -34.81
CA SER A 544 -12.38 -7.84 -35.74
C SER A 544 -11.67 -6.61 -35.20
N TRP A 545 -12.12 -6.00 -34.10
CA TRP A 545 -11.39 -4.91 -33.49
C TRP A 545 -10.61 -5.44 -32.31
N ILE A 546 -11.25 -5.98 -31.26
CA ILE A 546 -10.55 -6.29 -30.03
C ILE A 546 -9.67 -7.52 -30.20
N SER A 547 -10.24 -8.60 -30.77
CA SER A 547 -9.46 -9.81 -30.96
C SER A 547 -8.31 -9.57 -31.92
N ASP A 548 -8.55 -8.76 -32.95
CA ASP A 548 -7.47 -8.43 -33.89
C ASP A 548 -6.36 -7.65 -33.21
N HIS A 549 -6.71 -6.69 -32.34
CA HIS A 549 -5.69 -5.95 -31.61
C HIS A 549 -4.89 -6.87 -30.70
N LEU A 550 -5.58 -7.76 -29.98
CA LEU A 550 -4.89 -8.69 -29.09
C LEU A 550 -3.99 -9.64 -29.88
N ILE A 551 -4.47 -10.12 -31.02
CA ILE A 551 -3.66 -10.99 -31.87
C ILE A 551 -2.43 -10.24 -32.36
N HIS A 552 -2.61 -8.98 -32.74
CA HIS A 552 -1.47 -8.18 -33.19
C HIS A 552 -0.44 -8.03 -32.08
N ASP A 553 -0.90 -7.74 -30.86
CA ASP A 553 0.03 -7.58 -29.74
C ASP A 553 0.77 -8.88 -29.45
N ILE A 554 0.06 -10.00 -29.43
CA ILE A 554 0.69 -11.28 -29.14
C ILE A 554 1.68 -11.66 -30.23
N ILE A 555 1.32 -11.45 -31.49
CA ILE A 555 2.23 -11.75 -32.59
C ILE A 555 3.45 -10.84 -32.53
N TYR A 556 3.24 -9.57 -32.13
CA TYR A 556 4.36 -8.66 -31.97
C TYR A 556 5.33 -9.17 -30.90
N LEU A 557 4.80 -9.60 -29.76
CA LEU A 557 5.66 -10.13 -28.70
C LEU A 557 6.38 -11.39 -29.16
N TYR A 558 5.67 -12.29 -29.84
CA TYR A 558 6.27 -13.53 -30.29
C TYR A 558 7.39 -13.27 -31.30
N ASN A 559 7.15 -12.35 -32.24
CA ASN A 559 8.19 -11.99 -33.21
C ASN A 559 9.37 -11.33 -32.52
N GLY A 560 9.10 -10.47 -31.54
CA GLY A 560 10.18 -9.84 -30.81
C GLY A 560 11.06 -10.84 -30.11
N TYR A 561 10.46 -11.85 -29.48
CA TYR A 561 11.27 -12.87 -28.84
C TYR A 561 12.01 -13.74 -29.86
N THR A 562 11.29 -14.23 -30.87
CA THR A 562 11.85 -15.20 -31.80
C THR A 562 12.84 -14.60 -32.78
N GLU A 563 12.61 -13.36 -33.23
CA GLU A 563 13.48 -12.72 -34.21
C GLU A 563 14.50 -11.78 -33.56
N ASN A 564 14.54 -11.73 -32.23
CA ASN A 564 15.53 -10.94 -31.50
C ASN A 564 15.50 -9.47 -31.93
N THR A 565 14.28 -8.94 -32.08
CA THR A 565 14.09 -7.54 -32.41
C THR A 565 13.93 -6.68 -31.17
N MET A 566 13.14 -7.15 -30.20
CA MET A 566 12.96 -6.44 -28.94
C MET A 566 14.13 -6.81 -28.03
N LYS A 567 15.22 -6.07 -28.16
CA LYS A 567 16.39 -6.33 -27.33
C LYS A 567 16.42 -5.51 -26.06
N HIS A 568 15.51 -4.55 -25.90
CA HIS A 568 15.53 -3.64 -24.77
C HIS A 568 14.56 -4.03 -23.67
N SER A 569 13.47 -4.72 -24.01
CA SER A 569 12.44 -5.02 -23.03
C SER A 569 12.95 -5.91 -21.90
N ILE A 570 12.63 -5.53 -20.66
CA ILE A 570 13.02 -6.34 -19.51
C ILE A 570 12.30 -7.68 -19.54
N PHE A 571 10.99 -7.65 -19.84
CA PHE A 571 10.21 -8.88 -19.84
C PHE A 571 10.70 -9.86 -20.89
N ILE A 572 11.00 -9.38 -22.10
CA ILE A 572 11.38 -10.30 -23.16
C ILE A 572 12.78 -10.83 -22.93
N ARG A 573 13.61 -10.11 -22.17
CA ARG A 573 14.92 -10.64 -21.80
C ARG A 573 14.81 -11.66 -20.67
N ALA A 574 13.88 -11.44 -19.74
CA ALA A 574 13.73 -12.34 -18.60
C ALA A 574 12.84 -13.55 -18.91
N LEU A 575 12.16 -13.56 -20.05
CA LEU A 575 11.27 -14.68 -20.36
C LEU A 575 11.97 -16.04 -20.31
N PRO A 576 13.14 -16.24 -20.92
CA PRO A 576 13.75 -17.59 -20.84
C PRO A 576 14.14 -17.98 -19.42
N ALA A 577 14.79 -17.09 -18.68
CA ALA A 577 15.16 -17.41 -17.30
C ALA A 577 13.94 -17.64 -16.43
N LEU A 578 12.90 -16.82 -16.62
CA LEU A 578 11.67 -17.01 -15.86
C LEU A 578 11.04 -18.36 -16.18
N THR A 579 11.06 -18.75 -17.47
CA THR A 579 10.52 -20.06 -17.83
C THR A 579 11.32 -21.17 -17.19
N THR A 580 12.65 -21.06 -17.18
CA THR A 580 13.48 -22.08 -16.54
C THR A 580 13.16 -22.19 -15.06
N TYR A 581 13.04 -21.05 -14.37
CA TYR A 581 12.76 -21.09 -12.94
C TYR A 581 11.39 -21.66 -12.66
N LEU A 582 10.38 -21.27 -13.45
CA LEU A 582 9.04 -21.80 -13.22
C LEU A 582 8.98 -23.29 -13.50
N THR A 583 9.69 -23.76 -14.53
CA THR A 583 9.74 -25.19 -14.78
C THR A 583 10.43 -25.93 -13.65
N SER A 584 11.51 -25.36 -13.11
CA SER A 584 12.18 -26.01 -11.99
C SER A 584 11.26 -26.10 -10.78
N VAL A 585 10.53 -25.02 -10.49
CA VAL A 585 9.59 -25.03 -9.37
C VAL A 585 8.51 -26.07 -9.59
N SER A 586 7.98 -26.16 -10.81
CA SER A 586 6.96 -27.16 -11.11
C SER A 586 7.50 -28.57 -10.95
N ILE A 587 8.73 -28.80 -11.39
CA ILE A 587 9.33 -30.13 -11.24
C ILE A 587 9.49 -30.47 -9.76
N VAL A 588 9.92 -29.49 -8.95
CA VAL A 588 10.07 -29.76 -7.52
C VAL A 588 8.71 -30.12 -6.91
N CYS A 589 7.68 -29.34 -7.21
CA CYS A 589 6.38 -29.56 -6.62
C CYS A 589 5.80 -30.91 -7.04
N ALA A 590 5.98 -31.28 -8.30
CA ALA A 590 5.47 -32.58 -8.76
C ALA A 590 6.28 -33.73 -8.20
N SER A 591 7.60 -33.56 -8.10
CA SER A 591 8.47 -34.63 -7.66
C SER A 591 8.26 -34.93 -6.18
N SER A 592 7.87 -33.93 -5.39
CA SER A 592 7.51 -34.21 -4.00
C SER A 592 6.41 -35.26 -3.94
N ASN A 593 5.31 -35.03 -4.66
CA ASN A 593 4.22 -36.00 -4.69
C ASN A 593 4.66 -37.33 -5.29
N LEU A 594 5.50 -37.28 -6.34
CA LEU A 594 5.94 -38.52 -6.97
C LEU A 594 6.75 -39.38 -6.00
N VAL A 595 7.61 -38.77 -5.21
CA VAL A 595 8.41 -39.50 -4.22
C VAL A 595 7.49 -40.02 -3.12
N SER A 596 6.47 -39.25 -2.76
CA SER A 596 5.54 -39.67 -1.72
C SER A 596 4.60 -40.79 -2.15
N ARG A 597 4.61 -41.15 -3.43
CA ARG A 597 3.65 -42.13 -3.94
C ARG A 597 3.81 -43.48 -3.28
N GLY A 598 2.70 -44.12 -2.96
CA GLY A 598 2.71 -45.44 -2.38
C GLY A 598 2.90 -45.43 -0.87
N TYR A 599 3.98 -44.81 -0.42
CA TYR A 599 4.28 -44.78 1.01
C TYR A 599 3.24 -43.96 1.77
N GLY A 600 2.94 -44.37 2.98
CA GLY A 600 1.97 -43.69 3.80
C GLY A 600 2.24 -43.96 5.26
N ARG A 601 1.23 -43.67 6.09
CA ARG A 601 1.35 -43.88 7.52
C ARG A 601 1.54 -45.36 7.87
N GLU A 602 1.06 -46.24 7.00
CA GLU A 602 1.19 -47.68 7.22
C GLU A 602 2.46 -48.23 6.60
N ASN A 603 2.70 -47.93 5.32
CA ASN A 603 3.88 -48.39 4.62
C ASN A 603 5.04 -47.46 4.96
N GLY A 604 5.91 -47.89 5.87
CA GLY A 604 7.03 -47.07 6.26
C GLY A 604 8.01 -46.87 5.14
N MET A 605 8.75 -45.76 5.22
CA MET A 605 9.74 -45.41 4.21
C MET A 605 11.12 -45.58 4.87
N SER A 606 11.68 -46.78 4.71
CA SER A 606 12.87 -47.16 5.46
C SER A 606 14.09 -46.36 5.01
N ASN A 607 14.25 -46.14 3.72
CA ASN A 607 15.47 -45.59 3.18
C ASN A 607 15.70 -44.17 3.70
N PRO A 608 16.82 -43.91 4.39
CA PRO A 608 17.01 -42.57 4.98
C PRO A 608 17.33 -41.50 3.96
N THR A 609 18.13 -41.82 2.94
CA THR A 609 18.47 -40.82 1.94
C THR A 609 17.26 -40.34 1.19
N ARG A 610 16.42 -41.27 0.74
CA ARG A 610 15.18 -40.89 0.07
C ARG A 610 14.27 -40.12 1.02
N ARG A 611 14.28 -40.49 2.30
CA ARG A 611 13.49 -39.76 3.29
C ARG A 611 13.93 -38.30 3.37
N LEU A 612 15.24 -38.05 3.43
CA LEU A 612 15.73 -36.68 3.48
C LEU A 612 15.41 -35.94 2.20
N ILE A 613 15.53 -36.62 1.06
CA ILE A 613 15.21 -35.99 -0.23
C ILE A 613 13.75 -35.55 -0.24
N PHE A 614 12.85 -36.41 0.22
CA PHE A 614 11.44 -36.03 0.27
C PHE A 614 11.21 -34.91 1.26
N GLN A 615 11.90 -34.93 2.41
CA GLN A 615 11.71 -33.86 3.37
C GLN A 615 12.05 -32.52 2.75
N ILE A 616 13.18 -32.48 2.04
CA ILE A 616 13.59 -31.23 1.38
C ILE A 616 12.58 -30.83 0.31
N LEU A 617 12.17 -31.78 -0.53
CA LEU A 617 11.25 -31.46 -1.62
C LEU A 617 9.91 -30.98 -1.08
N PHE A 618 9.39 -31.64 -0.05
CA PHE A 618 8.12 -31.25 0.53
C PHE A 618 8.22 -29.90 1.24
N ALA A 619 9.34 -29.64 1.89
CA ALA A 619 9.54 -28.34 2.50
C ALA A 619 9.54 -27.26 1.43
N LEU A 620 10.18 -27.50 0.29
CA LEU A 620 10.16 -26.53 -0.80
C LEU A 620 8.75 -26.36 -1.36
N LYS A 621 8.01 -27.45 -1.51
CA LYS A 621 6.65 -27.36 -2.03
C LYS A 621 5.76 -26.52 -1.11
N CYS A 622 5.83 -26.79 0.19
CA CYS A 622 5.07 -25.98 1.15
C CYS A 622 5.56 -24.54 1.17
N THR A 623 6.87 -24.34 1.00
CA THR A 623 7.40 -22.99 0.94
C THR A 623 6.79 -22.22 -0.22
N PHE A 624 6.75 -22.84 -1.40
CA PHE A 624 6.19 -22.15 -2.56
C PHE A 624 4.68 -21.95 -2.41
N LYS A 625 3.97 -22.93 -1.86
CA LYS A 625 2.53 -22.75 -1.67
C LYS A 625 2.24 -21.59 -0.73
N VAL A 626 2.89 -21.58 0.44
CA VAL A 626 2.64 -20.53 1.42
C VAL A 626 3.11 -19.18 0.88
N PHE A 627 4.25 -19.17 0.18
CA PHE A 627 4.73 -17.92 -0.39
C PHE A 627 3.77 -17.37 -1.42
N THR A 628 3.21 -18.24 -2.26
CA THR A 628 2.25 -17.77 -3.26
C THR A 628 1.00 -17.22 -2.61
N LEU A 629 0.47 -17.94 -1.62
CA LEU A 629 -0.76 -17.47 -0.96
C LEU A 629 -0.52 -16.15 -0.25
N PHE A 630 0.59 -16.04 0.49
CA PHE A 630 0.88 -14.81 1.20
C PHE A 630 1.17 -13.66 0.24
N PHE A 631 1.91 -13.93 -0.83
CA PHE A 631 2.20 -12.88 -1.80
C PHE A 631 0.92 -12.37 -2.44
N ILE A 632 0.03 -13.28 -2.85
CA ILE A 632 -1.26 -12.86 -3.36
C ILE A 632 -1.97 -11.98 -2.34
N GLU A 633 -2.25 -12.53 -1.16
CA GLU A 633 -3.08 -11.85 -0.18
C GLU A 633 -2.49 -10.51 0.25
N LEU A 634 -1.17 -10.38 0.26
CA LEU A 634 -0.55 -9.19 0.81
C LEU A 634 -0.13 -8.17 -0.24
N ALA A 635 0.07 -8.58 -1.49
CA ALA A 635 0.43 -7.63 -2.53
C ALA A 635 -0.62 -7.58 -3.63
N GLY A 636 -0.94 -8.73 -4.23
CA GLY A 636 -1.84 -8.72 -5.37
C GLY A 636 -3.25 -8.35 -4.97
N PHE A 637 -3.66 -8.78 -3.79
CA PHE A 637 -4.94 -8.35 -3.23
C PHE A 637 -4.97 -6.84 -3.06
N PRO A 638 -4.06 -6.21 -2.30
CA PRO A 638 -4.09 -4.73 -2.21
C PRO A 638 -3.81 -4.04 -3.53
N ILE A 639 -2.89 -4.56 -4.36
CA ILE A 639 -2.56 -3.86 -5.59
C ILE A 639 -3.76 -3.84 -6.53
N LEU A 640 -4.45 -4.97 -6.67
CA LEU A 640 -5.60 -4.99 -7.57
C LEU A 640 -6.75 -4.18 -7.00
N ALA A 641 -6.92 -4.21 -5.67
CA ALA A 641 -7.93 -3.34 -5.06
C ALA A 641 -7.63 -1.88 -5.34
N GLY A 642 -6.36 -1.49 -5.25
CA GLY A 642 -5.98 -0.12 -5.57
C GLY A 642 -6.17 0.21 -7.04
N VAL A 643 -5.96 -0.78 -7.92
CA VAL A 643 -6.20 -0.55 -9.34
C VAL A 643 -7.66 -0.24 -9.59
N MET A 644 -8.56 -1.01 -8.98
CA MET A 644 -9.98 -0.70 -9.18
C MET A 644 -10.38 0.60 -8.49
N LEU A 645 -9.75 0.92 -7.36
CA LEU A 645 -9.99 2.22 -6.78
C LEU A 645 -9.58 3.34 -7.72
N ASP A 646 -8.43 3.20 -8.37
CA ASP A 646 -8.02 4.18 -9.37
C ASP A 646 -9.04 4.25 -10.50
N PHE A 647 -9.51 3.09 -10.94
CA PHE A 647 -10.46 3.05 -12.06
C PHE A 647 -11.76 3.75 -11.73
N SER A 648 -12.25 3.57 -10.49
CA SER A 648 -13.60 4.01 -10.15
C SER A 648 -13.66 5.35 -9.44
N LEU A 649 -12.69 5.69 -8.60
CA LEU A 649 -12.78 6.89 -7.77
C LEU A 649 -11.78 7.95 -8.19
N PHE A 650 -10.49 7.60 -8.22
CA PHE A 650 -9.47 8.62 -8.43
C PHE A 650 -9.45 9.12 -9.87
N CYS A 651 -9.53 8.21 -10.84
CA CYS A 651 -9.50 8.65 -12.23
C CYS A 651 -10.68 9.56 -12.60
N PRO A 652 -11.93 9.22 -12.26
CA PRO A 652 -13.04 10.13 -12.60
C PRO A 652 -13.02 11.44 -11.85
N ILE A 653 -12.29 11.51 -10.72
CA ILE A 653 -12.28 12.72 -9.91
C ILE A 653 -11.02 13.55 -10.14
N LEU A 654 -9.84 12.98 -9.98
CA LEU A 654 -8.59 13.71 -10.16
C LEU A 654 -8.10 13.68 -11.59
N ALA A 655 -8.86 13.12 -12.52
CA ALA A 655 -8.53 13.15 -13.93
C ALA A 655 -9.82 13.24 -14.73
N SER A 656 -9.77 12.99 -16.02
CA SER A 656 -10.96 13.05 -16.85
C SER A 656 -11.73 11.75 -16.72
N ASN A 657 -13.05 11.84 -16.87
CA ASN A 657 -13.89 10.65 -16.86
C ASN A 657 -13.58 9.73 -18.03
N SER A 658 -13.18 10.30 -19.17
CA SER A 658 -12.90 9.48 -20.35
C SER A 658 -11.73 8.53 -20.11
N ARG A 659 -10.73 8.96 -19.34
CA ARG A 659 -9.59 8.12 -19.07
C ARG A 659 -9.99 6.96 -18.16
N MET A 660 -9.14 5.93 -18.14
CA MET A 660 -9.43 4.71 -17.40
C MET A 660 -8.49 4.46 -16.22
N LEU A 661 -7.34 5.13 -16.17
CA LEU A 661 -6.43 4.98 -15.05
C LEU A 661 -5.68 6.28 -14.88
N TRP A 662 -5.28 6.56 -13.64
CA TRP A 662 -4.72 7.87 -13.33
C TRP A 662 -3.34 7.77 -12.70
N VAL A 663 -3.11 6.75 -11.87
CA VAL A 663 -1.81 6.58 -11.22
C VAL A 663 -0.68 6.43 -12.23
N PRO A 664 -0.81 5.66 -13.32
CA PRO A 664 0.31 5.57 -14.28
C PRO A 664 0.76 6.92 -14.82
N SER A 665 -0.18 7.83 -15.06
CA SER A 665 0.20 9.14 -15.59
C SER A 665 1.02 9.93 -14.57
N ILE A 666 0.59 9.93 -13.31
CA ILE A 666 1.32 10.68 -12.29
C ILE A 666 2.63 10.00 -11.91
N CYS A 667 2.79 8.72 -12.21
CA CYS A 667 4.04 8.01 -11.95
C CYS A 667 4.85 7.85 -13.24
N ALA A 668 4.76 8.83 -14.13
CA ALA A 668 5.50 8.75 -15.39
C ALA A 668 6.99 8.87 -15.17
N ILE A 669 7.41 9.47 -14.07
CA ILE A 669 8.84 9.61 -13.78
C ILE A 669 9.47 8.23 -13.64
N TRP A 670 8.83 7.35 -12.87
CA TRP A 670 9.31 5.99 -12.63
C TRP A 670 8.08 5.10 -12.56
N PRO A 671 7.70 4.47 -13.65
CA PRO A 671 6.44 3.72 -13.71
C PRO A 671 6.34 2.62 -12.66
N PRO A 672 7.44 1.96 -12.27
CA PRO A 672 7.33 0.98 -11.18
C PRO A 672 6.76 1.54 -9.90
N PHE A 673 6.88 2.84 -9.64
CA PHE A 673 6.30 3.40 -8.44
C PHE A 673 4.77 3.36 -8.44
N SER A 674 4.17 3.16 -9.60
CA SER A 674 2.72 2.98 -9.65
C SER A 674 2.30 1.75 -8.86
N LEU A 675 3.16 0.73 -8.81
CA LEU A 675 2.85 -0.43 -7.97
C LEU A 675 2.81 -0.06 -6.49
N PHE A 676 3.77 0.76 -6.05
CA PHE A 676 3.75 1.20 -4.66
C PHE A 676 2.51 2.02 -4.35
N VAL A 677 2.15 2.91 -5.28
CA VAL A 677 0.96 3.74 -5.07
C VAL A 677 -0.30 2.87 -5.02
N TYR A 678 -0.40 1.91 -5.93
CA TYR A 678 -1.56 1.02 -5.94
C TYR A 678 -1.65 0.21 -4.67
N TRP A 679 -0.51 -0.33 -4.21
CA TRP A 679 -0.51 -1.10 -2.97
C TRP A 679 -0.93 -0.22 -1.80
N THR A 680 -0.44 1.03 -1.77
CA THR A 680 -0.79 1.91 -0.67
C THR A 680 -2.28 2.20 -0.64
N ILE A 681 -2.86 2.57 -1.78
CA ILE A 681 -4.28 2.93 -1.78
C ILE A 681 -5.15 1.70 -1.52
N GLY A 682 -4.76 0.54 -2.05
CA GLY A 682 -5.51 -0.67 -1.78
C GLY A 682 -5.47 -1.07 -0.32
N THR A 683 -4.29 -1.01 0.29
CA THR A 683 -4.16 -1.32 1.70
C THR A 683 -4.95 -0.34 2.55
N LEU A 684 -4.92 0.94 2.19
CA LEU A 684 -5.68 1.93 2.93
C LEU A 684 -7.18 1.67 2.84
N TYR A 685 -7.66 1.32 1.64
CA TYR A 685 -9.07 0.99 1.48
C TYR A 685 -9.45 -0.22 2.31
N MET A 686 -8.61 -1.26 2.29
CA MET A 686 -8.94 -2.47 3.04
C MET A 686 -8.91 -2.20 4.53
N TYR A 687 -7.99 -1.35 4.99
CA TYR A 687 -7.93 -0.99 6.39
C TYR A 687 -9.18 -0.24 6.83
N TRP A 688 -9.63 0.73 6.03
CA TRP A 688 -10.85 1.46 6.37
C TRP A 688 -12.08 0.57 6.31
N PHE A 689 -12.15 -0.32 5.32
CA PHE A 689 -13.28 -1.25 5.25
C PHE A 689 -13.29 -2.20 6.44
N ALA A 690 -12.11 -2.65 6.86
CA ALA A 690 -12.02 -3.49 8.05
C ALA A 690 -12.47 -2.73 9.29
N LYS A 691 -12.11 -1.44 9.39
CA LYS A 691 -12.59 -0.64 10.51
C LYS A 691 -14.10 -0.52 10.50
N TYR A 692 -14.69 -0.32 9.32
CA TYR A 692 -16.13 -0.22 9.22
C TYR A 692 -16.82 -1.51 9.64
N ILE A 693 -16.32 -2.64 9.12
CA ILE A 693 -16.87 -3.94 9.49
C ILE A 693 -16.71 -4.17 10.98
N GLY A 694 -15.58 -3.74 11.55
CA GLY A 694 -15.37 -3.90 12.97
C GLY A 694 -16.37 -3.11 13.80
N MET A 695 -16.66 -1.87 13.37
CA MET A 695 -17.65 -1.07 14.08
C MET A 695 -19.02 -1.72 14.04
N ILE A 696 -19.45 -2.14 12.85
CA ILE A 696 -20.75 -2.81 12.72
C ILE A 696 -20.78 -4.06 13.58
N ARG A 697 -19.76 -4.89 13.48
CA ARG A 697 -19.71 -6.14 14.23
C ARG A 697 -19.74 -5.90 15.73
N LYS A 698 -19.01 -4.89 16.19
CA LYS A 698 -18.97 -4.59 17.62
C LYS A 698 -20.33 -4.16 18.13
N ASN A 699 -21.03 -3.32 17.40
CA ASN A 699 -22.18 -2.81 18.14
C ASN A 699 -23.53 -3.03 17.46
N ILE A 700 -23.60 -2.96 16.13
CA ILE A 700 -24.91 -2.86 15.49
C ILE A 700 -25.53 -4.24 15.29
N ILE A 701 -24.89 -5.08 14.50
CA ILE A 701 -25.53 -6.31 14.03
C ILE A 701 -25.37 -7.41 15.06
N ARG A 702 -26.17 -8.46 14.90
CA ARG A 702 -26.12 -9.61 15.77
C ARG A 702 -24.75 -10.29 15.68
N PRO A 703 -24.20 -10.74 16.81
CA PRO A 703 -22.94 -11.49 16.77
C PRO A 703 -23.14 -12.86 16.16
N GLY A 704 -22.59 -13.04 14.96
CA GLY A 704 -22.73 -14.31 14.26
C GLY A 704 -23.10 -14.12 12.80
N VAL A 705 -23.52 -12.91 12.44
CA VAL A 705 -23.91 -12.64 11.06
C VAL A 705 -22.69 -12.70 10.15
N LEU A 706 -21.62 -12.01 10.53
CA LEU A 706 -20.42 -11.93 9.71
C LEU A 706 -19.38 -12.95 10.17
N PHE A 707 -19.77 -14.23 10.14
CA PHE A 707 -18.84 -15.29 10.50
C PHE A 707 -17.82 -15.53 9.40
N PHE A 708 -18.23 -15.36 8.14
CA PHE A 708 -17.33 -15.63 7.02
C PHE A 708 -16.18 -14.62 6.99
N ILE A 709 -16.46 -13.35 7.28
CA ILE A 709 -15.40 -12.36 7.35
C ILE A 709 -14.49 -12.68 8.52
N ARG A 710 -13.18 -12.60 8.29
CA ARG A 710 -12.22 -12.98 9.31
C ARG A 710 -12.28 -12.01 10.48
N SER A 711 -12.29 -12.56 11.69
CA SER A 711 -12.40 -11.73 12.89
C SER A 711 -11.02 -11.23 13.31
N PRO A 712 -10.82 -9.92 13.42
CA PRO A 712 -9.49 -9.41 13.79
C PRO A 712 -9.00 -9.88 15.14
N GLU A 713 -9.89 -10.07 16.11
CA GLU A 713 -9.52 -10.54 17.44
C GLU A 713 -10.07 -11.96 17.59
N ASP A 714 -9.28 -12.93 17.12
CA ASP A 714 -9.65 -14.33 17.21
C ASP A 714 -8.47 -15.12 17.77
N PRO A 715 -8.59 -15.68 18.98
CA PRO A 715 -7.48 -16.48 19.52
C PRO A 715 -7.15 -17.69 18.68
N ASN A 716 -8.15 -18.29 18.02
CA ASN A 716 -7.95 -19.51 17.25
C ASN A 716 -7.55 -19.17 15.81
N ILE A 717 -6.49 -18.37 15.69
CA ILE A 717 -5.92 -18.00 14.41
C ILE A 717 -4.51 -18.57 14.34
N LYS A 718 -4.28 -19.45 13.37
CA LYS A 718 -2.96 -20.02 13.08
C LYS A 718 -2.77 -19.89 11.58
N ILE A 719 -2.21 -18.75 11.15
CA ILE A 719 -2.12 -18.43 9.73
C ILE A 719 -1.24 -19.45 9.02
N LEU A 720 -0.08 -19.75 9.58
CA LEU A 720 0.83 -20.70 8.94
C LEU A 720 0.24 -22.10 8.93
N HIS A 721 -0.37 -22.51 10.04
CA HIS A 721 -0.97 -23.84 10.12
C HIS A 721 -2.07 -24.01 9.08
N ASP A 722 -2.93 -23.01 8.95
CA ASP A 722 -4.01 -23.07 7.97
C ASP A 722 -3.44 -23.04 6.55
N SER A 723 -2.42 -22.23 6.31
CA SER A 723 -1.82 -22.17 4.98
C SER A 723 -1.19 -23.50 4.60
N LEU A 724 -0.56 -24.17 5.54
CA LEU A 724 0.04 -25.48 5.26
C LEU A 724 -1.02 -26.54 5.01
N ILE A 725 -2.03 -26.63 5.87
CA ILE A 725 -2.93 -27.78 5.85
C ILE A 725 -3.98 -27.66 4.77
N HIS A 726 -4.70 -26.53 4.72
CA HIS A 726 -5.80 -26.40 3.77
C HIS A 726 -5.28 -26.45 2.33
N PRO A 727 -5.99 -27.13 1.43
CA PRO A 727 -5.51 -27.26 0.05
C PRO A 727 -5.37 -25.90 -0.62
N MET A 728 -4.39 -25.81 -1.52
CA MET A 728 -4.16 -24.54 -2.21
C MET A 728 -5.35 -24.13 -3.04
N SER A 729 -6.03 -25.09 -3.66
CA SER A 729 -7.16 -24.76 -4.52
C SER A 729 -8.28 -24.09 -3.73
N ILE A 730 -8.58 -24.60 -2.54
CA ILE A 730 -9.69 -24.07 -1.76
C ILE A 730 -9.36 -22.68 -1.23
N GLN A 731 -8.16 -22.50 -0.70
CA GLN A 731 -7.76 -21.18 -0.21
C GLN A 731 -7.73 -20.18 -1.36
N LEU A 732 -7.22 -20.60 -2.50
CA LEU A 732 -7.16 -19.71 -3.66
C LEU A 732 -8.56 -19.35 -4.14
N SER A 733 -9.48 -20.30 -4.10
CA SER A 733 -10.87 -20.01 -4.49
C SER A 733 -11.52 -19.03 -3.52
N ARG A 734 -11.28 -19.22 -2.22
CA ARG A 734 -11.83 -18.28 -1.24
C ARG A 734 -11.27 -16.89 -1.48
N LEU A 735 -9.97 -16.80 -1.77
CA LEU A 735 -9.38 -15.51 -2.11
C LEU A 735 -10.02 -14.92 -3.35
N CYS A 736 -10.28 -15.74 -4.37
CA CYS A 736 -10.87 -15.24 -5.60
C CYS A 736 -12.28 -14.69 -5.37
N LEU A 737 -13.10 -15.42 -4.61
CA LEU A 737 -14.44 -14.90 -4.34
C LEU A 737 -14.42 -13.65 -3.47
N SER A 738 -13.53 -13.61 -2.46
CA SER A 738 -13.42 -12.39 -1.67
C SER A 738 -12.96 -11.22 -2.54
N MET A 739 -12.03 -11.49 -3.46
CA MET A 739 -11.56 -10.47 -4.38
C MET A 739 -12.68 -9.98 -5.28
N PHE A 740 -13.51 -10.90 -5.77
CA PHE A 740 -14.64 -10.51 -6.61
C PHE A 740 -15.65 -9.67 -5.84
N ILE A 741 -15.91 -10.03 -4.59
CA ILE A 741 -16.84 -9.24 -3.78
C ILE A 741 -16.29 -7.85 -3.54
N TYR A 742 -14.99 -7.75 -3.22
CA TYR A 742 -14.37 -6.44 -3.06
C TYR A 742 -14.42 -5.66 -4.37
N ALA A 743 -14.26 -6.35 -5.49
CA ALA A 743 -14.34 -5.69 -6.79
C ALA A 743 -15.73 -5.12 -7.02
N ILE A 744 -16.77 -5.90 -6.72
CA ILE A 744 -18.14 -5.41 -6.84
C ILE A 744 -18.31 -4.16 -5.98
N PHE A 745 -17.92 -4.24 -4.71
CA PHE A 745 -18.06 -3.08 -3.84
C PHE A 745 -17.35 -1.87 -4.41
N ILE A 746 -16.04 -1.97 -4.61
CA ILE A 746 -15.27 -0.81 -5.10
C ILE A 746 -15.87 -0.29 -6.40
N VAL A 747 -15.85 -1.11 -7.45
CA VAL A 747 -16.24 -0.64 -8.78
C VAL A 747 -17.67 -0.12 -8.77
N LEU A 748 -18.65 -0.98 -8.44
CA LEU A 748 -20.02 -0.49 -8.48
C LEU A 748 -20.22 0.70 -7.55
N GLY A 749 -19.97 0.54 -6.25
CA GLY A 749 -20.26 1.58 -5.28
C GLY A 749 -19.63 2.93 -5.55
N PHE A 750 -18.35 2.99 -5.92
CA PHE A 750 -17.78 4.30 -6.19
C PHE A 750 -17.96 4.72 -7.64
N GLY A 751 -17.63 3.83 -8.59
CA GLY A 751 -17.69 4.18 -9.98
C GLY A 751 -19.08 4.56 -10.45
N PHE A 752 -20.13 4.05 -9.81
CA PHE A 752 -21.47 4.45 -10.21
C PHE A 752 -21.64 5.96 -10.04
N HIS A 753 -21.36 6.47 -8.85
CA HIS A 753 -21.47 7.90 -8.62
C HIS A 753 -20.47 8.68 -9.45
N THR A 754 -19.23 8.19 -9.54
CA THR A 754 -18.20 9.00 -10.16
C THR A 754 -18.21 8.93 -11.68
N ARG A 755 -18.92 7.97 -12.29
CA ARG A 755 -18.82 7.76 -13.72
C ARG A 755 -20.18 7.71 -14.41
N ILE A 756 -21.21 7.18 -13.74
CA ILE A 756 -22.45 6.89 -14.42
C ILE A 756 -23.60 7.66 -13.77
N PHE A 757 -23.35 8.33 -12.66
CA PHE A 757 -24.43 9.04 -11.99
C PHE A 757 -24.30 10.54 -12.11
N PHE A 758 -23.16 11.09 -11.68
CA PHE A 758 -23.00 12.54 -11.74
C PHE A 758 -22.73 13.05 -13.15
N PRO A 759 -21.77 12.51 -13.91
CA PRO A 759 -21.53 13.08 -15.24
C PRO A 759 -22.66 12.87 -16.22
N PHE A 760 -23.46 11.81 -16.07
CA PHE A 760 -24.47 11.48 -17.08
C PHE A 760 -25.90 11.74 -16.60
N MET A 761 -26.33 11.13 -15.50
CA MET A 761 -27.71 11.33 -15.07
C MET A 761 -27.94 12.77 -14.60
N LEU A 762 -27.06 13.28 -13.74
CA LEU A 762 -27.18 14.64 -13.28
C LEU A 762 -26.51 15.66 -14.19
N LYS A 763 -25.65 15.21 -15.10
CA LYS A 763 -24.91 16.10 -15.99
C LYS A 763 -24.17 17.17 -15.19
N SER A 764 -23.61 16.75 -14.05
CA SER A 764 -22.99 17.67 -13.12
C SER A 764 -21.54 17.28 -12.88
N ASN A 765 -20.67 18.29 -12.79
CA ASN A 765 -19.27 18.09 -12.45
C ASN A 765 -19.03 18.21 -10.96
N LEU A 766 -20.08 18.06 -10.15
CA LEU A 766 -19.96 18.23 -8.71
C LEU A 766 -19.04 17.22 -8.06
N LEU A 767 -18.69 16.14 -8.76
CA LEU A 767 -17.80 15.12 -8.24
C LEU A 767 -16.58 14.99 -9.14
N SER A 768 -16.02 16.13 -9.54
CA SER A 768 -14.88 16.16 -10.46
C SER A 768 -14.03 17.39 -10.13
N VAL A 769 -12.76 17.16 -9.85
CA VAL A 769 -11.80 18.22 -9.53
C VAL A 769 -11.69 19.15 -10.75
N PRO A 770 -11.59 20.46 -10.57
CA PRO A 770 -11.49 21.35 -11.72
C PRO A 770 -10.20 21.10 -12.51
N GLU A 771 -10.24 21.45 -13.80
CA GLU A 771 -9.12 21.17 -14.67
C GLU A 771 -7.84 21.83 -14.19
N ALA A 772 -7.94 23.04 -13.64
CA ALA A 772 -6.75 23.76 -13.21
C ALA A 772 -6.10 23.12 -11.99
N TYR A 773 -6.80 22.28 -11.26
CA TYR A 773 -6.29 21.70 -10.02
C TYR A 773 -6.11 20.19 -10.10
N LYS A 774 -6.23 19.61 -11.28
CA LYS A 774 -6.01 18.18 -11.43
C LYS A 774 -4.52 17.89 -11.36
N PRO A 775 -4.06 17.04 -10.43
CA PRO A 775 -2.64 16.71 -10.38
C PRO A 775 -2.23 15.90 -11.60
N THR A 776 -1.03 16.18 -12.10
CA THR A 776 -0.51 15.49 -13.27
C THR A 776 0.73 14.66 -13.00
N SER A 777 1.55 15.04 -12.03
CA SER A 777 2.72 14.27 -11.67
C SER A 777 2.78 14.11 -10.15
N ILE A 778 3.41 13.03 -9.71
CA ILE A 778 3.44 12.72 -8.28
C ILE A 778 4.25 13.77 -7.51
N ILE A 779 5.31 14.29 -8.13
CA ILE A 779 6.13 15.30 -7.47
C ILE A 779 5.54 16.69 -7.56
N SER A 780 4.44 16.87 -8.29
CA SER A 780 3.86 18.19 -8.48
C SER A 780 3.33 18.73 -7.15
N TRP A 781 3.16 20.06 -7.12
CA TRP A 781 2.67 20.69 -5.90
C TRP A 781 1.18 20.43 -5.70
N LYS A 782 0.42 20.26 -6.79
CA LYS A 782 -0.99 19.98 -6.68
C LYS A 782 -1.22 18.64 -5.95
N PHE A 783 -0.54 17.60 -6.40
CA PHE A 783 -0.68 16.29 -5.79
C PHE A 783 -0.23 16.31 -4.34
N ASN A 784 0.90 16.97 -4.06
CA ASN A 784 1.40 17.01 -2.69
C ASN A 784 0.45 17.76 -1.77
N THR A 785 -0.09 18.90 -2.23
CA THR A 785 -1.03 19.64 -1.40
C THR A 785 -2.29 18.81 -1.14
N ILE A 786 -2.81 18.14 -2.17
CA ILE A 786 -4.00 17.31 -1.98
C ILE A 786 -3.71 16.20 -0.97
N LEU A 787 -2.57 15.53 -1.12
CA LEU A 787 -2.24 14.42 -0.24
C LEU A 787 -2.05 14.88 1.19
N LEU A 788 -1.33 15.99 1.40
CA LEU A 788 -1.15 16.50 2.76
C LEU A 788 -2.46 16.94 3.37
N THR A 789 -3.33 17.60 2.58
CA THR A 789 -4.62 18.00 3.11
C THR A 789 -5.43 16.79 3.55
N LEU A 790 -5.47 15.75 2.71
CA LEU A 790 -6.20 14.55 3.07
C LEU A 790 -5.61 13.89 4.31
N TYR A 791 -4.28 13.82 4.39
CA TYR A 791 -3.64 13.17 5.53
C TYR A 791 -3.93 13.92 6.83
N PHE A 792 -3.77 15.24 6.81
CA PHE A 792 -4.02 16.02 8.02
C PHE A 792 -5.48 15.95 8.41
N THR A 793 -6.39 15.98 7.45
CA THR A 793 -7.82 15.91 7.76
C THR A 793 -8.18 14.54 8.33
N LYS A 794 -7.59 13.49 7.78
CA LYS A 794 -7.81 12.14 8.33
C LYS A 794 -7.31 12.08 9.77
N ARG A 795 -6.15 12.67 10.03
CA ARG A 795 -5.62 12.67 11.40
C ARG A 795 -6.53 13.44 12.34
N ILE A 796 -7.05 14.57 11.89
CA ILE A 796 -7.96 15.36 12.73
C ILE A 796 -9.23 14.58 13.01
N LEU A 797 -9.80 13.97 11.98
CA LEU A 797 -11.06 13.23 12.15
C LEU A 797 -10.86 12.04 13.08
N GLU A 798 -9.75 11.33 12.94
CA GLU A 798 -9.49 10.19 13.82
C GLU A 798 -9.23 10.66 15.25
N SER A 799 -8.62 11.83 15.42
CA SER A 799 -8.34 12.33 16.76
C SER A 799 -9.62 12.69 17.49
N SER A 800 -10.62 13.20 16.77
CA SER A 800 -11.85 13.63 17.41
C SER A 800 -12.57 12.47 18.06
N SER A 801 -13.20 12.75 19.21
CA SER A 801 -13.84 11.72 20.02
C SER A 801 -15.34 11.67 19.83
N TYR A 802 -15.90 12.47 18.94
CA TYR A 802 -17.33 12.48 18.70
C TYR A 802 -17.73 12.01 17.30
N VAL A 803 -16.78 11.95 16.37
CA VAL A 803 -17.10 11.54 15.02
C VAL A 803 -17.52 10.07 14.96
N LYS A 804 -16.71 9.19 15.56
CA LYS A 804 -17.00 7.76 15.52
C LYS A 804 -18.34 7.41 16.16
N PRO A 805 -18.60 7.95 17.36
CA PRO A 805 -19.88 7.69 18.03
C PRO A 805 -21.05 8.09 17.15
N LEU A 806 -21.05 9.32 16.65
CA LEU A 806 -22.12 9.81 15.79
C LEU A 806 -22.29 8.92 14.57
N LEU A 807 -21.17 8.52 13.95
CA LEU A 807 -21.23 7.62 12.81
C LEU A 807 -21.87 6.29 13.18
N GLU A 808 -21.50 5.75 14.34
CA GLU A 808 -22.06 4.49 14.80
C GLU A 808 -23.56 4.62 15.06
N ARG A 809 -23.99 5.74 15.64
CA ARG A 809 -25.42 5.94 15.87
C ARG A 809 -26.18 6.06 14.56
N TYR A 810 -25.61 6.76 13.58
CA TYR A 810 -26.22 6.85 12.26
C TYR A 810 -26.39 5.47 11.65
N TRP A 811 -25.35 4.64 11.74
CA TRP A 811 -25.45 3.31 11.15
C TRP A 811 -26.39 2.42 11.93
N LYS A 812 -26.50 2.60 13.25
CA LYS A 812 -27.50 1.87 14.01
C LYS A 812 -28.90 2.19 13.52
N THR A 813 -29.19 3.48 13.36
CA THR A 813 -30.51 3.88 12.87
C THR A 813 -30.77 3.31 11.48
N ILE A 814 -29.77 3.41 10.60
CA ILE A 814 -29.94 2.94 9.23
C ILE A 814 -30.19 1.44 9.19
N PHE A 815 -29.40 0.68 9.94
CA PHE A 815 -29.55 -0.77 9.94
C PHE A 815 -30.89 -1.17 10.53
N LYS A 816 -31.31 -0.52 11.62
CA LYS A 816 -32.61 -0.84 12.20
C LYS A 816 -33.73 -0.58 11.20
N LEU A 817 -33.68 0.57 10.53
CA LEU A 817 -34.73 0.91 9.57
C LEU A 817 -34.77 -0.09 8.41
N CYS A 818 -33.62 -0.35 7.79
CA CYS A 818 -33.58 -1.25 6.64
C CYS A 818 -34.00 -2.66 7.03
N SER A 819 -33.50 -3.16 8.16
CA SER A 819 -33.85 -4.50 8.58
C SER A 819 -35.33 -4.62 8.91
N ARG A 820 -35.89 -3.61 9.57
CA ARG A 820 -37.32 -3.64 9.87
C ARG A 820 -38.14 -3.63 8.60
N LYS A 821 -37.72 -2.86 7.60
CA LYS A 821 -38.43 -2.83 6.33
C LYS A 821 -38.35 -4.18 5.62
N LEU A 822 -37.16 -4.78 5.61
CA LEU A 822 -36.97 -6.02 4.87
C LEU A 822 -37.32 -7.25 5.69
N ARG A 823 -37.78 -7.08 6.93
CA ARG A 823 -38.09 -8.19 7.84
C ARG A 823 -36.87 -9.06 8.13
N LEU A 824 -35.69 -8.44 8.20
CA LEU A 824 -34.47 -9.12 8.61
C LEU A 824 -34.00 -8.70 9.99
N SER A 825 -34.89 -8.12 10.81
CA SER A 825 -34.49 -7.67 12.13
C SER A 825 -34.02 -8.83 12.99
N SER A 826 -34.73 -9.96 12.92
CA SER A 826 -34.35 -11.11 13.74
C SER A 826 -32.99 -11.65 13.33
N PHE A 827 -32.74 -11.75 12.03
CA PHE A 827 -31.49 -12.33 11.57
C PHE A 827 -30.33 -11.37 11.71
N ILE A 828 -30.54 -10.08 11.43
CA ILE A 828 -29.43 -9.14 11.42
C ILE A 828 -29.22 -8.49 12.79
N LEU A 829 -30.29 -8.12 13.48
CA LEU A 829 -30.17 -7.43 14.75
C LEU A 829 -30.42 -8.31 15.97
N GLY A 830 -31.22 -9.37 15.84
CA GLY A 830 -31.52 -10.28 16.91
C GLY A 830 -32.82 -9.99 17.63
N LYS A 831 -33.33 -8.77 17.49
CA LYS A 831 -34.60 -8.38 18.09
C LYS A 831 -35.60 -8.05 17.00
N ASP A 832 -36.75 -8.69 17.04
CA ASP A 832 -37.80 -8.46 16.04
C ASP A 832 -39.16 -8.55 16.71
N THR A 833 -40.09 -7.72 16.26
CA THR A 833 -41.46 -7.84 16.67
C THR A 833 -42.13 -9.01 15.94
N PRO A 834 -43.20 -9.56 16.50
CA PRO A 834 -43.92 -10.63 15.79
C PRO A 834 -44.51 -10.19 14.47
N THR A 835 -44.68 -8.88 14.25
CA THR A 835 -45.26 -8.39 13.00
C THR A 835 -44.37 -8.71 11.81
N GLU A 836 -43.06 -8.87 12.03
CA GLU A 836 -42.13 -9.12 10.94
C GLU A 836 -42.16 -10.56 10.45
N ARG A 837 -42.82 -11.45 11.19
CA ARG A 837 -42.81 -12.87 10.86
C ARG A 837 -43.89 -13.27 9.86
N GLY A 838 -44.46 -12.30 9.15
CA GLY A 838 -45.41 -12.61 8.11
C GLY A 838 -45.68 -11.39 7.26
N HIS A 839 -46.15 -11.64 6.04
CA HIS A 839 -46.52 -10.57 5.13
C HIS A 839 -48.03 -10.40 5.14
N ILE A 840 -48.46 -9.14 4.97
CA ILE A 840 -49.88 -8.80 5.02
C ILE A 840 -50.44 -8.99 3.61
N VAL A 841 -51.32 -9.97 3.46
CA VAL A 841 -51.97 -10.22 2.18
C VAL A 841 -53.20 -9.32 2.08
N TYR A 842 -53.31 -8.60 0.97
CA TYR A 842 -54.42 -7.70 0.73
C TYR A 842 -55.37 -8.31 -0.29
N ARG A 843 -56.65 -7.95 -0.18
CA ARG A 843 -57.65 -8.50 -1.10
C ARG A 843 -57.38 -8.08 -2.53
N ASN A 844 -57.07 -6.81 -2.75
CA ASN A 844 -56.88 -6.26 -4.08
C ASN A 844 -55.56 -5.51 -4.14
N LEU A 845 -55.02 -5.38 -5.35
CA LEU A 845 -53.83 -4.57 -5.55
C LEU A 845 -54.06 -3.12 -5.14
N PHE A 846 -55.30 -2.64 -5.32
CA PHE A 846 -55.64 -1.30 -4.85
C PHE A 846 -55.46 -1.18 -3.34
N TYR A 847 -55.99 -2.14 -2.59
CA TYR A 847 -55.76 -2.17 -1.16
C TYR A 847 -54.30 -2.46 -0.83
N LYS A 848 -53.61 -3.20 -1.70
CA LYS A 848 -52.22 -3.56 -1.43
C LYS A 848 -51.31 -2.33 -1.46
N TYR A 849 -51.50 -1.47 -2.46
CA TYR A 849 -50.60 -0.35 -2.67
C TYR A 849 -51.27 1.00 -2.51
N ILE A 850 -52.37 1.24 -3.23
CA ILE A 850 -53.04 2.53 -3.18
C ILE A 850 -53.68 2.76 -1.81
N ALA A 851 -54.32 1.72 -1.27
CA ALA A 851 -55.04 1.82 0.00
C ALA A 851 -54.42 0.93 1.07
N ALA A 852 -53.10 0.93 1.17
CA ALA A 852 -52.40 0.09 2.14
C ALA A 852 -52.79 0.45 3.57
N LYS A 853 -52.69 1.74 3.92
CA LYS A 853 -53.01 2.16 5.28
C LYS A 853 -54.48 1.93 5.59
N ASN A 854 -55.36 2.23 4.64
CA ASN A 854 -56.79 2.03 4.86
C ASN A 854 -57.11 0.55 5.05
N ALA A 855 -56.51 -0.31 4.23
CA ALA A 855 -56.74 -1.75 4.37
C ALA A 855 -56.22 -2.27 5.69
N GLU A 856 -55.04 -1.81 6.12
CA GLU A 856 -54.49 -2.24 7.41
C GLU A 856 -55.39 -1.77 8.56
N TRP A 857 -55.90 -0.55 8.47
CA TRP A 857 -56.78 -0.05 9.53
C TRP A 857 -58.11 -0.78 9.53
N SER A 858 -58.55 -1.25 8.36
CA SER A 858 -59.83 -1.95 8.27
C SER A 858 -59.82 -3.22 9.10
N ASN A 859 -58.73 -3.98 9.04
CA ASN A 859 -58.64 -5.23 9.78
C ASN A 859 -58.25 -4.95 11.23
N GLN A 860 -59.16 -5.26 12.14
CA GLN A 860 -58.92 -5.10 13.57
C GLN A 860 -58.37 -6.36 14.22
N GLU A 861 -58.24 -7.44 13.45
CA GLU A 861 -57.68 -8.69 13.94
C GLU A 861 -56.39 -9.07 13.22
N LEU A 862 -55.69 -8.09 12.64
CA LEU A 862 -54.52 -8.35 11.80
C LEU A 862 -53.46 -9.16 12.54
N PHE A 863 -52.86 -8.56 13.58
CA PHE A 863 -51.78 -9.23 14.29
C PHE A 863 -52.27 -10.09 15.44
N THR A 864 -53.57 -10.07 15.74
CA THR A 864 -54.09 -10.92 16.80
C THR A 864 -54.16 -12.37 16.38
N LYS A 865 -54.58 -12.62 15.14
CA LYS A 865 -54.79 -13.97 14.64
C LYS A 865 -54.08 -14.17 13.32
N PRO A 866 -53.39 -15.30 13.14
CA PRO A 866 -52.77 -15.59 11.85
C PRO A 866 -53.69 -16.37 10.92
N LYS A 867 -53.72 -15.99 9.66
CA LYS A 867 -54.55 -16.65 8.66
C LYS A 867 -53.66 -17.13 7.52
N THR A 868 -53.89 -18.35 7.06
CA THR A 868 -53.13 -18.85 5.92
C THR A 868 -53.58 -18.17 4.63
N LEU A 869 -52.79 -18.33 3.59
CA LEU A 869 -53.06 -17.65 2.32
C LEU A 869 -54.41 -18.06 1.74
N GLU A 870 -54.67 -19.37 1.70
CA GLU A 870 -55.95 -19.85 1.18
C GLU A 870 -57.11 -19.38 2.04
N GLN A 871 -56.95 -19.45 3.35
CA GLN A 871 -57.98 -18.95 4.25
C GLN A 871 -58.17 -17.45 4.09
N ALA A 872 -57.07 -16.73 3.85
CA ALA A 872 -57.17 -15.29 3.61
C ALA A 872 -57.99 -15.00 2.35
N GLU A 873 -57.73 -15.75 1.28
CA GLU A 873 -58.50 -15.57 0.05
C GLU A 873 -59.97 -15.89 0.28
N GLU A 874 -60.24 -16.95 1.03
CA GLU A 874 -61.62 -17.31 1.34
C GLU A 874 -62.31 -16.19 2.12
N LEU A 875 -61.63 -15.62 3.10
CA LEU A 875 -62.20 -14.53 3.88
C LEU A 875 -62.43 -13.30 3.02
N PHE A 876 -61.52 -13.01 2.09
CA PHE A 876 -61.72 -11.91 1.17
C PHE A 876 -62.97 -12.14 0.32
N GLY A 877 -63.15 -13.37 -0.15
CA GLY A 877 -64.34 -13.67 -0.94
C GLY A 877 -65.62 -13.55 -0.14
N GLN A 878 -65.61 -14.02 1.11
CA GLN A 878 -66.82 -14.01 1.91
C GLN A 878 -67.16 -12.60 2.40
N VAL A 879 -66.16 -11.86 2.88
CA VAL A 879 -66.39 -10.61 3.59
C VAL A 879 -65.81 -9.45 2.81
N ARG A 880 -66.50 -8.32 2.88
CA ARG A 880 -66.08 -7.09 2.20
C ARG A 880 -65.58 -6.02 3.16
N ASP A 881 -65.87 -6.15 4.47
CA ASP A 881 -65.46 -5.12 5.42
C ASP A 881 -63.95 -5.06 5.54
N VAL A 882 -63.28 -6.22 5.55
CA VAL A 882 -61.85 -6.31 5.76
C VAL A 882 -61.19 -6.74 4.46
N HIS A 883 -60.16 -6.01 4.04
CA HIS A 883 -59.49 -6.26 2.77
C HIS A 883 -58.01 -6.59 2.97
N ALA A 884 -57.63 -7.03 4.16
CA ALA A 884 -56.25 -7.39 4.43
C ALA A 884 -56.20 -8.37 5.58
N TYR A 885 -55.21 -9.26 5.53
CA TYR A 885 -55.00 -10.23 6.60
C TYR A 885 -53.52 -10.53 6.73
N PHE A 886 -53.15 -11.10 7.87
CA PHE A 886 -51.77 -11.37 8.21
C PHE A 886 -51.49 -12.85 7.96
N VAL A 887 -50.59 -13.12 7.02
CA VAL A 887 -50.23 -14.49 6.64
C VAL A 887 -48.81 -14.75 7.12
N PRO A 888 -48.62 -15.55 8.17
CA PRO A 888 -47.26 -15.88 8.61
C PRO A 888 -46.52 -16.66 7.53
N ASP A 889 -45.22 -16.40 7.43
CA ASP A 889 -44.38 -17.09 6.46
C ASP A 889 -42.96 -17.10 6.99
N GLY A 890 -42.12 -17.94 6.37
CA GLY A 890 -40.76 -18.09 6.83
C GLY A 890 -40.66 -19.12 7.94
N VAL A 891 -39.43 -19.58 8.17
CA VAL A 891 -39.19 -20.67 9.12
C VAL A 891 -38.05 -20.25 10.04
N LEU A 892 -38.16 -20.60 11.32
CA LEU A 892 -37.06 -20.39 12.25
C LEU A 892 -35.85 -21.21 11.82
N MET A 893 -34.67 -20.67 12.04
CA MET A 893 -33.44 -21.35 11.67
C MET A 893 -32.42 -21.22 12.79
N ARG A 894 -31.47 -22.15 12.80
CA ARG A 894 -30.30 -22.04 13.66
C ARG A 894 -29.22 -21.25 12.93
N VAL A 895 -28.60 -20.31 13.61
CA VAL A 895 -27.49 -19.55 13.05
C VAL A 895 -26.37 -19.51 14.08
N PRO A 896 -25.11 -19.42 13.67
CA PRO A 896 -24.02 -19.35 14.66
C PRO A 896 -24.19 -18.15 15.57
N SER A 897 -23.89 -18.35 16.85
CA SER A 897 -24.09 -17.31 17.86
C SER A 897 -22.83 -16.48 18.09
N SER A 898 -21.77 -16.72 17.34
CA SER A 898 -20.55 -15.94 17.47
C SER A 898 -19.84 -15.94 16.11
N ASP A 899 -18.97 -14.94 15.92
CA ASP A 899 -18.20 -14.89 14.68
C ASP A 899 -17.06 -15.89 14.69
N ILE A 900 -16.59 -16.29 15.87
CA ILE A 900 -15.50 -17.25 15.98
C ILE A 900 -16.16 -18.62 16.11
N VAL A 901 -16.45 -19.23 14.96
CA VAL A 901 -17.08 -20.53 14.91
C VAL A 901 -16.27 -21.43 13.98
N SER A 902 -16.00 -22.65 14.44
CA SER A 902 -15.25 -23.60 13.65
C SER A 902 -15.98 -23.89 12.34
N ARG A 903 -15.20 -23.98 11.26
CA ARG A 903 -15.79 -24.14 9.94
C ARG A 903 -16.64 -25.40 9.84
N ASN A 904 -16.29 -26.43 10.60
CA ASN A 904 -17.11 -27.63 10.63
C ASN A 904 -18.48 -27.33 11.24
N TYR A 905 -18.51 -26.49 12.28
CA TYR A 905 -19.78 -26.15 12.91
C TYR A 905 -20.71 -25.40 11.96
N VAL A 906 -20.16 -24.50 11.14
CA VAL A 906 -20.99 -23.69 10.26
C VAL A 906 -21.78 -24.56 9.30
N GLN A 907 -21.23 -25.69 8.89
CA GLN A 907 -21.90 -26.56 7.93
C GLN A 907 -23.15 -27.21 8.49
N THR A 908 -23.39 -27.12 9.79
CA THR A 908 -24.56 -27.73 10.41
C THR A 908 -25.51 -26.70 11.02
N MET A 909 -25.17 -25.42 10.97
CA MET A 909 -25.91 -24.36 11.67
C MET A 909 -26.61 -23.43 10.70
N PHE A 910 -27.25 -23.97 9.67
CA PHE A 910 -28.19 -23.20 8.87
C PHE A 910 -29.38 -24.07 8.50
N VAL A 911 -29.90 -24.80 9.48
CA VAL A 911 -31.01 -25.73 9.25
C VAL A 911 -32.29 -25.16 9.85
N PRO A 912 -33.42 -25.26 9.16
CA PRO A 912 -34.68 -24.80 9.75
C PRO A 912 -35.07 -25.64 10.95
N VAL A 913 -35.69 -24.99 11.94
CA VAL A 913 -36.13 -25.65 13.16
C VAL A 913 -37.54 -25.21 13.49
N THR A 914 -38.20 -25.99 14.34
CA THR A 914 -39.52 -25.63 14.85
C THR A 914 -39.34 -24.68 16.03
N LYS A 915 -40.44 -24.43 16.76
CA LYS A 915 -40.37 -23.52 17.90
C LYS A 915 -39.49 -24.09 19.01
N ASP A 916 -39.53 -25.40 19.21
CA ASP A 916 -38.86 -26.05 20.33
C ASP A 916 -37.48 -26.59 19.97
N ASP A 917 -36.78 -25.95 19.04
CA ASP A 917 -35.43 -26.34 18.65
C ASP A 917 -35.38 -27.79 18.17
N LYS A 918 -36.35 -28.15 17.34
CA LYS A 918 -36.42 -29.48 16.73
C LYS A 918 -36.30 -29.29 15.22
N LEU A 919 -35.38 -30.06 14.62
CA LEU A 919 -35.13 -29.92 13.19
C LEU A 919 -36.40 -30.25 12.40
N LEU A 920 -36.76 -29.36 11.48
CA LEU A 920 -37.91 -29.60 10.61
C LEU A 920 -37.63 -30.72 9.60
N LYS A 921 -36.38 -31.08 9.41
CA LYS A 921 -35.97 -32.14 8.51
C LYS A 921 -34.75 -32.83 9.11
N PRO A 922 -34.69 -34.17 9.12
CA PRO A 922 -33.52 -34.85 9.69
C PRO A 922 -32.25 -34.44 8.97
N LEU A 923 -31.19 -34.21 9.75
CA LEU A 923 -29.95 -33.70 9.20
C LEU A 923 -29.26 -34.74 8.34
N ASP A 924 -28.76 -34.31 7.18
CA ASP A 924 -28.06 -35.20 6.25
C ASP A 924 -26.59 -35.24 6.65
N LEU A 925 -26.31 -36.08 7.65
CA LEU A 925 -24.96 -36.13 8.23
C LEU A 925 -23.93 -36.58 7.21
N GLU A 926 -24.26 -37.57 6.39
CA GLU A 926 -23.29 -38.10 5.45
C GLU A 926 -22.88 -37.05 4.42
N ARG A 927 -23.84 -36.25 3.96
CA ARG A 927 -23.52 -35.18 3.02
C ARG A 927 -22.60 -34.15 3.66
N ILE A 928 -22.84 -33.84 4.93
CA ILE A 928 -21.99 -32.91 5.66
C ILE A 928 -20.57 -33.46 5.76
N LYS A 929 -20.45 -34.75 6.07
CA LYS A 929 -19.13 -35.36 6.16
C LYS A 929 -18.40 -35.32 4.83
N GLU A 930 -19.12 -35.62 3.74
CA GLU A 930 -18.49 -35.59 2.41
C GLU A 930 -18.03 -34.17 2.08
N ARG A 931 -18.87 -33.17 2.38
CA ARG A 931 -18.48 -31.79 2.11
C ARG A 931 -17.29 -31.38 2.96
N ASN A 932 -17.20 -31.91 4.19
CA ASN A 932 -16.03 -31.64 5.02
C ASN A 932 -14.78 -32.27 4.43
N LYS A 933 -14.90 -33.49 3.90
CA LYS A 933 -13.75 -34.14 3.29
C LYS A 933 -13.29 -33.35 2.06
N ARG A 934 -14.22 -32.85 1.26
CA ARG A 934 -13.84 -32.01 0.13
C ARG A 934 -13.19 -30.71 0.59
N ALA A 935 -13.76 -30.08 1.62
CA ALA A 935 -13.21 -28.83 2.12
C ALA A 935 -11.87 -29.04 2.80
N ALA A 936 -11.63 -30.24 3.32
CA ALA A 936 -10.31 -30.59 3.82
C ALA A 936 -9.52 -31.29 2.72
N GLY A 937 -8.37 -31.84 3.06
CA GLY A 937 -7.58 -32.57 2.09
C GLY A 937 -6.98 -33.83 2.69
N GLU A 938 -5.78 -34.20 2.24
CA GLU A 938 -5.08 -35.32 2.86
C GLU A 938 -4.76 -35.03 4.31
N PHE A 939 -4.71 -33.76 4.69
CA PHE A 939 -4.32 -33.34 6.03
C PHE A 939 -5.49 -32.81 6.84
N GLY A 940 -6.70 -33.32 6.58
CA GLY A 940 -7.87 -32.81 7.28
C GLY A 940 -7.83 -33.07 8.77
N TYR A 941 -7.43 -34.29 9.17
CA TYR A 941 -7.46 -34.63 10.58
C TYR A 941 -6.42 -33.86 11.37
N LEU A 942 -5.36 -33.41 10.70
CA LEU A 942 -4.31 -32.66 11.39
C LEU A 942 -4.86 -31.34 11.93
N ASP A 943 -5.74 -30.69 11.18
CA ASP A 943 -6.40 -29.50 11.70
C ASP A 943 -7.27 -29.86 12.90
N GLU A 944 -7.11 -29.09 13.97
CA GLU A 944 -7.86 -29.31 15.21
C GLU A 944 -8.62 -28.01 15.52
N GLN A 945 -9.81 -27.90 14.95
CA GLN A 945 -10.62 -26.71 15.15
C GLN A 945 -11.18 -26.68 16.56
N ASN A 946 -11.10 -25.51 17.21
CA ASN A 946 -11.52 -25.36 18.58
C ASN A 946 -13.01 -25.05 18.64
N THR A 947 -13.75 -25.84 19.42
CA THR A 947 -15.19 -25.69 19.55
C THR A 947 -15.59 -24.93 20.81
N GLU A 948 -14.72 -24.06 21.32
CA GLU A 948 -15.05 -23.33 22.54
C GLU A 948 -16.19 -22.36 22.33
N TYR A 949 -16.30 -21.79 21.13
CA TYR A 949 -17.31 -20.79 20.81
C TYR A 949 -18.28 -21.28 19.75
N ASP A 950 -18.69 -22.54 19.82
CA ASP A 950 -19.64 -23.11 18.87
C ASP A 950 -21.01 -23.19 19.55
N GLN A 951 -21.77 -22.11 19.44
CA GLN A 951 -23.12 -22.05 19.95
C GLN A 951 -24.01 -21.42 18.87
N TYR A 952 -25.31 -21.59 19.00
CA TYR A 952 -26.21 -21.15 17.95
C TYR A 952 -27.40 -20.40 18.54
N TYR A 953 -27.95 -19.49 17.72
CA TYR A 953 -29.16 -18.76 18.03
C TYR A 953 -30.30 -19.32 17.17
N ILE A 954 -31.51 -19.24 17.68
CA ILE A 954 -32.70 -19.58 16.90
C ILE A 954 -33.33 -18.26 16.46
N VAL A 955 -33.20 -17.95 15.17
CA VAL A 955 -33.66 -16.69 14.63
C VAL A 955 -34.68 -16.97 13.53
N TYR A 956 -35.44 -15.94 13.18
CA TYR A 956 -36.45 -16.04 12.13
C TYR A 956 -35.86 -15.56 10.81
N VAL A 957 -35.98 -16.37 9.78
CA VAL A 957 -35.47 -16.04 8.45
C VAL A 957 -36.66 -15.94 7.50
N PRO A 958 -36.92 -14.79 6.89
CA PRO A 958 -38.08 -14.64 6.02
C PRO A 958 -37.86 -15.38 4.71
N PRO A 959 -38.92 -15.59 3.92
CA PRO A 959 -38.75 -16.22 2.61
C PRO A 959 -37.97 -15.33 1.66
N ASP A 960 -37.42 -15.94 0.62
CA ASP A 960 -36.58 -15.26 -0.37
C ASP A 960 -35.39 -14.59 0.32
N PHE A 961 -34.73 -15.34 1.20
CA PHE A 961 -33.70 -14.77 2.06
C PHE A 961 -32.55 -14.18 1.25
N ARG A 962 -32.14 -14.86 0.18
CA ARG A 962 -31.02 -14.38 -0.62
C ARG A 962 -31.32 -12.99 -1.17
N LEU A 963 -32.49 -12.82 -1.80
CA LEU A 963 -32.87 -11.51 -2.32
C LEU A 963 -32.93 -10.49 -1.20
N ARG A 964 -33.41 -10.89 -0.02
CA ARG A 964 -33.55 -9.94 1.07
C ARG A 964 -32.20 -9.42 1.54
N TYR A 965 -31.20 -10.28 1.71
CA TYR A 965 -29.95 -9.73 2.22
C TYR A 965 -29.13 -9.08 1.10
N MET A 966 -29.36 -9.47 -0.16
CA MET A 966 -28.77 -8.68 -1.24
C MET A 966 -29.37 -7.29 -1.29
N THR A 967 -30.68 -7.16 -1.09
CA THR A 967 -31.29 -5.84 -1.01
C THR A 967 -30.80 -5.08 0.20
N LEU A 968 -30.51 -5.79 1.29
CA LEU A 968 -29.95 -5.14 2.47
C LEU A 968 -28.58 -4.57 2.18
N LEU A 969 -27.73 -5.33 1.47
CA LEU A 969 -26.43 -4.80 1.06
C LEU A 969 -26.59 -3.63 0.11
N GLY A 970 -27.57 -3.70 -0.79
CA GLY A 970 -27.82 -2.57 -1.67
C GLY A 970 -28.23 -1.32 -0.91
N LEU A 971 -29.10 -1.48 0.08
CA LEU A 971 -29.51 -0.34 0.89
C LEU A 971 -28.35 0.17 1.74
N VAL A 972 -27.48 -0.72 2.19
CA VAL A 972 -26.29 -0.29 2.92
C VAL A 972 -25.42 0.57 2.03
N TRP A 973 -25.21 0.13 0.79
CA TRP A 973 -24.44 0.95 -0.14
C TRP A 973 -25.14 2.28 -0.40
N LEU A 974 -26.46 2.26 -0.57
CA LEU A 974 -27.20 3.48 -0.85
C LEU A 974 -27.05 4.48 0.29
N PHE A 975 -27.18 4.02 1.53
CA PHE A 975 -27.13 4.93 2.66
C PHE A 975 -25.70 5.37 2.95
N ALA A 976 -24.72 4.49 2.72
CA ALA A 976 -23.33 4.92 2.84
C ALA A 976 -23.01 5.98 1.81
N SER A 977 -23.51 5.82 0.58
CA SER A 977 -23.30 6.83 -0.45
C SER A 977 -24.00 8.13 -0.10
N ILE A 978 -25.22 8.04 0.43
CA ILE A 978 -25.92 9.24 0.86
C ILE A 978 -25.14 9.95 1.95
N LEU A 979 -24.63 9.22 2.93
CA LEU A 979 -23.85 9.82 4.00
C LEU A 979 -22.58 10.48 3.44
N MET A 980 -21.83 9.76 2.62
CA MET A 980 -20.56 10.30 2.13
C MET A 980 -20.77 11.51 1.25
N LEU A 981 -21.73 11.43 0.32
CA LEU A 981 -22.00 12.56 -0.56
C LEU A 981 -22.57 13.74 0.22
N GLY A 982 -23.43 13.48 1.20
CA GLY A 982 -23.95 14.55 2.01
C GLY A 982 -22.86 15.25 2.80
N VAL A 983 -21.97 14.48 3.41
CA VAL A 983 -20.87 15.07 4.16
C VAL A 983 -19.98 15.89 3.23
N THR A 984 -19.64 15.33 2.07
CA THR A 984 -18.76 16.02 1.13
C THR A 984 -19.39 17.33 0.67
N PHE A 985 -20.63 17.28 0.19
CA PHE A 985 -21.23 18.47 -0.39
C PHE A 985 -21.60 19.48 0.68
N ILE A 986 -22.02 19.03 1.86
CA ILE A 986 -22.30 19.96 2.94
C ILE A 986 -21.02 20.66 3.38
N SER A 987 -19.92 19.92 3.48
CA SER A 987 -18.65 20.54 3.83
C SER A 987 -18.25 21.58 2.80
N GLN A 988 -18.32 21.20 1.52
CA GLN A 988 -17.93 22.13 0.46
C GLN A 988 -18.82 23.36 0.45
N ALA A 989 -20.14 23.17 0.56
CA ALA A 989 -21.05 24.31 0.54
C ALA A 989 -20.87 25.19 1.76
N LEU A 990 -20.62 24.60 2.92
CA LEU A 990 -20.40 25.37 4.13
C LEU A 990 -19.17 26.24 3.99
N ILE A 991 -18.04 25.65 3.57
CA ILE A 991 -16.83 26.43 3.41
C ILE A 991 -17.00 27.48 2.33
N ASN A 992 -17.67 27.13 1.24
CA ASN A 992 -17.88 28.07 0.15
C ASN A 992 -18.70 29.27 0.62
N PHE A 993 -19.78 29.02 1.35
CA PHE A 993 -20.58 30.13 1.88
C PHE A 993 -19.77 30.97 2.85
N VAL A 994 -18.97 30.32 3.69
CA VAL A 994 -18.10 31.05 4.61
C VAL A 994 -17.01 31.79 3.84
N CYS A 995 -16.49 31.19 2.78
CA CYS A 995 -15.37 31.76 2.05
C CYS A 995 -15.78 32.47 0.77
N SER A 996 -17.06 32.80 0.61
CA SER A 996 -17.47 33.63 -0.51
C SER A 996 -18.26 34.83 -0.02
N PHE A 997 -19.09 34.62 1.00
CA PHE A 997 -19.84 35.70 1.64
C PHE A 997 -19.14 36.20 2.89
N GLY A 998 -17.99 35.62 3.22
CA GLY A 998 -17.26 35.96 4.42
C GLY A 998 -15.93 36.61 4.15
N PHE A 999 -14.87 35.81 4.15
CA PHE A 999 -13.51 36.34 4.10
C PHE A 999 -13.24 37.10 2.81
N LEU A 1000 -13.84 36.67 1.70
CA LEU A 1000 -13.53 37.28 0.41
C LEU A 1000 -13.91 38.75 0.34
N PRO A 1001 -15.10 39.17 0.80
CA PRO A 1001 -15.35 40.62 0.86
C PRO A 1001 -14.33 41.37 1.69
N VAL A 1002 -13.89 40.78 2.81
CA VAL A 1002 -12.89 41.43 3.65
C VAL A 1002 -11.59 41.61 2.88
N VAL A 1003 -11.16 40.57 2.16
CA VAL A 1003 -9.96 40.67 1.34
C VAL A 1003 -10.15 41.72 0.25
N LYS A 1004 -11.37 41.79 -0.30
CA LYS A 1004 -11.68 42.80 -1.31
C LYS A 1004 -11.48 44.20 -0.77
N LEU A 1005 -11.95 44.46 0.46
CA LEU A 1005 -11.74 45.77 1.07
C LEU A 1005 -10.28 46.01 1.39
N LEU A 1006 -9.64 45.04 2.04
CA LEU A 1006 -8.27 45.23 2.54
C LEU A 1006 -7.23 45.01 1.44
N LEU A 1007 -7.16 43.79 0.90
CA LEU A 1007 -6.14 43.48 -0.07
C LEU A 1007 -6.42 44.08 -1.44
N GLY A 1008 -7.59 44.66 -1.63
CA GLY A 1008 -7.96 45.28 -2.90
C GLY A 1008 -8.84 44.36 -3.73
N GLU A 1009 -9.22 44.88 -4.90
CA GLU A 1009 -10.09 44.15 -5.80
C GLU A 1009 -9.30 43.50 -6.95
N ARG A 1010 -8.06 43.92 -7.18
CA ARG A 1010 -7.26 43.37 -8.26
C ARG A 1010 -6.08 42.54 -7.78
N ASN A 1011 -5.96 42.30 -6.47
CA ASN A 1011 -4.81 41.56 -5.96
C ASN A 1011 -4.87 40.11 -6.45
N LYS A 1012 -3.68 39.52 -6.63
CA LYS A 1012 -3.59 38.16 -7.13
C LYS A 1012 -4.29 37.18 -6.18
N VAL A 1013 -4.10 37.37 -4.86
CA VAL A 1013 -4.69 36.47 -3.88
C VAL A 1013 -6.21 36.52 -3.96
N TYR A 1014 -6.76 37.74 -4.04
CA TYR A 1014 -8.21 37.88 -4.11
C TYR A 1014 -8.77 37.21 -5.35
N VAL A 1015 -8.14 37.41 -6.50
CA VAL A 1015 -8.61 36.78 -7.73
C VAL A 1015 -8.52 35.27 -7.62
N ALA A 1016 -7.43 34.76 -7.04
CA ALA A 1016 -7.26 33.32 -6.90
C ALA A 1016 -8.38 32.72 -6.06
N TRP A 1017 -8.62 33.28 -4.87
CA TRP A 1017 -9.65 32.71 -4.00
C TRP A 1017 -11.04 32.91 -4.58
N LYS A 1018 -11.27 34.04 -5.25
CA LYS A 1018 -12.59 34.26 -5.85
C LYS A 1018 -12.87 33.25 -6.96
N GLU A 1019 -11.88 33.00 -7.81
CA GLU A 1019 -12.05 31.99 -8.84
C GLU A 1019 -12.23 30.61 -8.22
N LEU A 1020 -11.47 30.32 -7.16
CA LEU A 1020 -11.62 29.05 -6.48
C LEU A 1020 -13.04 28.86 -5.98
N SER A 1021 -13.62 29.88 -5.36
CA SER A 1021 -14.98 29.77 -4.84
C SER A 1021 -15.99 29.63 -5.99
N ASP A 1022 -15.85 30.45 -7.03
CA ASP A 1022 -16.81 30.41 -8.13
C ASP A 1022 -16.80 29.05 -8.81
N ILE A 1023 -15.62 28.44 -8.94
CA ILE A 1023 -15.56 27.08 -9.46
C ILE A 1023 -16.13 26.09 -8.45
N SER A 1024 -15.89 26.33 -7.16
CA SER A 1024 -16.42 25.46 -6.12
C SER A 1024 -17.93 25.35 -6.15
N TYR A 1025 -18.61 26.39 -6.63
CA TYR A 1025 -20.06 26.31 -6.72
C TYR A 1025 -20.52 25.23 -7.69
N SER A 1026 -19.64 24.78 -8.59
CA SER A 1026 -20.02 23.79 -9.60
C SER A 1026 -19.08 22.60 -9.68
N TYR A 1027 -17.90 22.67 -9.07
CA TYR A 1027 -16.92 21.60 -9.13
C TYR A 1027 -16.64 21.08 -7.73
N LEU A 1028 -15.60 20.26 -7.59
CA LEU A 1028 -15.20 19.69 -6.32
C LEU A 1028 -13.84 20.24 -5.93
N ASN A 1029 -13.76 20.84 -4.75
CA ASN A 1029 -12.48 21.22 -4.15
C ASN A 1029 -12.25 20.36 -2.93
N ILE A 1030 -11.17 19.58 -2.96
CA ILE A 1030 -10.84 18.70 -1.84
C ILE A 1030 -10.50 19.52 -0.61
N TYR A 1031 -9.86 20.68 -0.80
CA TYR A 1031 -9.51 21.53 0.33
C TYR A 1031 -10.75 21.99 1.07
N TYR A 1032 -11.75 22.48 0.34
CA TYR A 1032 -13.00 22.90 0.97
C TYR A 1032 -13.68 21.75 1.67
N VAL A 1033 -13.69 20.58 1.03
CA VAL A 1033 -14.32 19.40 1.61
C VAL A 1033 -13.65 19.05 2.93
N CYS A 1034 -12.33 19.08 2.97
CA CYS A 1034 -11.61 18.72 4.19
C CYS A 1034 -11.85 19.74 5.31
N VAL A 1035 -11.79 21.03 4.98
CA VAL A 1035 -12.02 22.04 6.02
C VAL A 1035 -13.44 21.93 6.56
N GLY A 1036 -14.41 21.75 5.67
CA GLY A 1036 -15.78 21.56 6.14
C GLY A 1036 -15.93 20.28 6.95
N SER A 1037 -15.19 19.24 6.60
CA SER A 1037 -15.23 18.02 7.40
C SER A 1037 -14.74 18.29 8.81
N VAL A 1038 -13.68 19.10 8.95
CA VAL A 1038 -13.22 19.47 10.28
C VAL A 1038 -14.29 20.25 11.03
N CYS A 1039 -14.94 21.19 10.36
CA CYS A 1039 -15.97 21.99 11.02
C CYS A 1039 -17.13 21.13 11.50
N LEU A 1040 -17.63 20.23 10.64
CA LEU A 1040 -18.70 19.34 11.06
C LEU A 1040 -18.25 18.37 12.14
N SER A 1041 -16.98 17.96 12.12
CA SER A 1041 -16.46 17.15 13.22
C SER A 1041 -16.55 17.91 14.54
N LYS A 1042 -16.32 19.22 14.50
CA LYS A 1042 -16.49 20.03 15.70
C LYS A 1042 -17.95 20.12 16.11
N ILE A 1043 -18.86 20.22 15.14
CA ILE A 1043 -20.28 20.36 15.43
C ILE A 1043 -20.88 19.01 15.87
N ALA A 1044 -20.10 17.94 15.70
CA ALA A 1044 -20.60 16.60 15.99
C ALA A 1044 -21.08 16.45 17.42
N LYS A 1045 -20.40 17.08 18.38
CA LYS A 1045 -20.80 16.96 19.77
C LYS A 1045 -22.19 17.55 19.98
N ASP A 1046 -22.44 18.72 19.38
CA ASP A 1046 -23.75 19.34 19.48
C ASP A 1046 -24.81 18.47 18.81
N ILE A 1047 -24.45 17.86 17.67
CA ILE A 1047 -25.40 16.97 16.99
C ILE A 1047 -25.78 15.80 17.88
N LEU A 1048 -24.78 15.17 18.51
CA LEU A 1048 -25.04 14.05 19.40
C LEU A 1048 -25.91 14.46 20.58
N HIS A 1049 -25.60 15.61 21.17
CA HIS A 1049 -26.39 16.08 22.32
C HIS A 1049 -27.84 16.35 21.92
N PHE A 1050 -28.04 16.98 20.77
CA PHE A 1050 -29.39 17.38 20.39
C PHE A 1050 -30.23 16.18 19.96
N THR A 1051 -29.63 15.26 19.20
CA THR A 1051 -30.40 14.12 18.71
C THR A 1051 -30.87 13.22 19.84
N GLU A 1052 -30.06 13.02 20.87
CA GLU A 1052 -30.46 12.21 22.01
C GLU A 1052 -31.62 12.87 22.77
N GLY A 1095 -10.28 22.39 21.23
CA GLY A 1095 -10.66 23.41 20.27
C GLY A 1095 -10.25 23.07 18.85
N ILE A 1096 -10.75 23.86 17.89
CA ILE A 1096 -10.42 23.62 16.49
C ILE A 1096 -8.92 23.80 16.26
N PHE A 1097 -8.40 24.95 16.70
CA PHE A 1097 -7.00 25.27 16.43
C PHE A 1097 -6.07 24.37 17.22
N MET A 1098 -6.45 24.01 18.45
CA MET A 1098 -5.64 23.08 19.23
C MET A 1098 -5.56 21.72 18.53
N ALA A 1099 -6.68 21.23 18.03
CA ALA A 1099 -6.69 19.94 17.32
C ALA A 1099 -5.86 20.01 16.05
N ILE A 1100 -5.99 21.10 15.29
CA ILE A 1100 -5.20 21.25 14.08
C ILE A 1100 -3.72 21.29 14.41
N PHE A 1101 -3.35 22.03 15.44
CA PHE A 1101 -1.96 22.14 15.85
C PHE A 1101 -1.41 20.78 16.26
N ASN A 1102 -2.18 20.02 17.03
CA ASN A 1102 -1.74 18.68 17.44
C ASN A 1102 -1.55 17.79 16.23
N SER A 1103 -2.53 17.78 15.32
CA SER A 1103 -2.47 16.90 14.15
C SER A 1103 -1.28 17.23 13.27
N ILE A 1104 -1.00 18.52 13.08
CA ILE A 1104 0.10 18.91 12.20
C ILE A 1104 1.44 18.67 12.90
N PHE A 1105 1.68 19.38 14.01
CA PHE A 1105 2.99 19.35 14.65
C PHE A 1105 3.17 18.17 15.58
N ASP A 1106 2.33 17.14 15.47
CA ASP A 1106 2.52 15.93 16.25
C ASP A 1106 2.76 14.69 15.39
N SER A 1107 2.44 14.72 14.11
CA SER A 1107 2.66 13.56 13.25
C SER A 1107 4.15 13.37 12.99
N MET A 1108 4.54 12.11 12.87
CA MET A 1108 5.95 11.80 12.63
C MET A 1108 6.41 12.30 11.27
N LEU A 1109 5.49 12.38 10.30
CA LEU A 1109 5.86 12.87 8.98
C LEU A 1109 6.32 14.32 9.05
N VAL A 1110 5.53 15.18 9.71
CA VAL A 1110 5.89 16.59 9.81
C VAL A 1110 7.16 16.75 10.63
N LYS A 1111 7.31 15.99 11.70
CA LYS A 1111 8.52 16.06 12.50
C LYS A 1111 9.75 15.71 11.68
N TYR A 1112 9.70 14.59 10.96
CA TYR A 1112 10.84 14.17 10.16
C TYR A 1112 11.15 15.18 9.06
N ASN A 1113 10.11 15.68 8.38
CA ASN A 1113 10.33 16.67 7.33
C ASN A 1113 10.96 17.93 7.90
N LEU A 1114 10.43 18.43 9.03
CA LEU A 1114 10.97 19.64 9.63
C LEU A 1114 12.40 19.45 10.10
N MET A 1115 12.72 18.29 10.71
CA MET A 1115 14.06 18.10 11.23
C MET A 1115 15.07 17.98 10.09
N VAL A 1116 14.72 17.27 9.02
CA VAL A 1116 15.61 17.23 7.85
C VAL A 1116 15.78 18.62 7.26
N PHE A 1117 14.69 19.38 7.17
CA PHE A 1117 14.77 20.73 6.62
C PHE A 1117 15.70 21.62 7.45
N ILE A 1118 15.58 21.55 8.78
CA ILE A 1118 16.45 22.32 9.65
C ILE A 1118 17.90 21.87 9.57
N ALA A 1119 18.15 20.57 9.49
CA ALA A 1119 19.51 20.10 9.30
C ALA A 1119 20.13 20.62 8.01
N ILE A 1120 19.39 20.52 6.91
CA ILE A 1120 19.90 21.03 5.64
C ILE A 1120 20.12 22.53 5.72
N MET A 1121 19.17 23.26 6.33
CA MET A 1121 19.30 24.71 6.45
C MET A 1121 20.52 25.11 7.24
N ILE A 1122 20.74 24.45 8.39
CA ILE A 1122 21.87 24.83 9.23
C ILE A 1122 23.18 24.46 8.55
N ALA A 1123 23.21 23.32 7.85
CA ALA A 1123 24.40 22.93 7.11
C ALA A 1123 24.73 23.94 6.03
N VAL A 1124 23.74 24.31 5.21
CA VAL A 1124 24.00 25.24 4.13
C VAL A 1124 24.36 26.62 4.67
N ILE A 1125 23.74 27.02 5.79
CA ILE A 1125 24.07 28.30 6.40
C ILE A 1125 25.54 28.31 6.84
N ARG A 1126 25.99 27.24 7.49
CA ARG A 1126 27.36 27.24 7.96
C ARG A 1126 28.34 27.12 6.80
N THR A 1127 27.96 26.42 5.74
CA THR A 1127 28.81 26.38 4.55
C THR A 1127 28.95 27.76 3.92
N MET A 1128 27.83 28.49 3.82
CA MET A 1128 27.91 29.84 3.29
C MET A 1128 28.78 30.72 4.17
N VAL A 1129 28.62 30.59 5.49
CA VAL A 1129 29.44 31.38 6.41
C VAL A 1129 30.92 31.07 6.21
N SER A 1130 31.26 29.78 6.15
CA SER A 1130 32.66 29.40 6.04
C SER A 1130 33.27 29.88 4.73
N TRP A 1131 32.55 29.64 3.61
CA TRP A 1131 33.08 30.05 2.32
C TRP A 1131 33.25 31.56 2.24
N VAL A 1132 32.24 32.31 2.72
CA VAL A 1132 32.32 33.76 2.68
C VAL A 1132 33.46 34.25 3.57
N VAL A 1133 33.57 33.69 4.78
CA VAL A 1133 34.66 34.07 5.68
C VAL A 1133 36.01 33.89 4.98
N LEU A 1134 36.32 32.66 4.57
CA LEU A 1134 37.58 32.41 3.90
C LEU A 1134 37.82 33.38 2.76
N THR A 1135 36.91 33.40 1.77
CA THR A 1135 37.15 34.19 0.56
C THR A 1135 37.22 35.68 0.87
N ASP A 1136 36.12 36.27 1.32
CA ASP A 1136 36.04 37.70 1.56
C ASP A 1136 36.83 38.15 2.77
N GLY A 1137 37.56 37.24 3.41
CA GLY A 1137 38.45 37.56 4.51
C GLY A 1137 39.89 37.33 4.12
N ILE A 1138 40.37 36.11 4.37
CA ILE A 1138 41.80 35.82 4.26
C ILE A 1138 42.28 36.01 2.83
N LEU A 1139 41.49 35.53 1.86
CA LEU A 1139 41.88 35.66 0.46
C LEU A 1139 41.95 37.13 0.04
N ALA A 1140 40.95 37.92 0.41
CA ALA A 1140 40.95 39.34 0.06
C ALA A 1140 42.11 40.06 0.73
N CYS A 1141 42.40 39.73 1.99
CA CYS A 1141 43.50 40.38 2.70
C CYS A 1141 44.84 40.02 2.07
N TYR A 1142 45.00 38.75 1.67
CA TYR A 1142 46.23 38.34 1.02
C TYR A 1142 46.41 39.08 -0.30
N ASN A 1143 45.32 39.21 -1.07
CA ASN A 1143 45.39 39.94 -2.34
C ASN A 1143 45.74 41.40 -2.10
N TYR A 1144 45.14 42.01 -1.09
CA TYR A 1144 45.44 43.42 -0.78
C TYR A 1144 46.90 43.59 -0.35
N LEU A 1145 47.39 42.67 0.48
CA LEU A 1145 48.77 42.74 0.92
C LEU A 1145 49.73 42.59 -0.26
N ASP A 1166 41.70 30.68 -10.39
CA ASP A 1166 41.67 29.24 -10.17
C ASP A 1166 40.42 28.88 -9.38
N GLU A 1167 39.34 28.60 -10.12
CA GLU A 1167 38.09 28.21 -9.47
C GLU A 1167 38.23 26.84 -8.81
N SER A 1168 39.17 26.03 -9.29
CA SER A 1168 39.29 24.66 -8.78
C SER A 1168 39.57 24.65 -7.29
N LEU A 1169 40.48 25.51 -6.83
CA LEU A 1169 40.83 25.53 -5.41
C LEU A 1169 39.66 25.99 -4.55
N LEU A 1170 38.91 26.99 -5.02
CA LEU A 1170 37.78 27.46 -4.25
C LEU A 1170 36.68 26.41 -4.17
N PHE A 1171 36.43 25.69 -5.26
CA PHE A 1171 35.49 24.57 -5.16
C PHE A 1171 35.99 23.49 -4.23
N VAL A 1172 37.31 23.23 -4.22
CA VAL A 1172 37.84 22.18 -3.35
C VAL A 1172 37.64 22.56 -1.89
N VAL A 1173 38.00 23.80 -1.53
CA VAL A 1173 37.83 24.24 -0.15
C VAL A 1173 36.35 24.32 0.20
N TRP A 1174 35.50 24.62 -0.78
CA TRP A 1174 34.06 24.62 -0.54
C TRP A 1174 33.56 23.21 -0.24
N ILE A 1175 34.10 22.20 -0.94
CA ILE A 1175 33.75 20.82 -0.64
C ILE A 1175 34.21 20.43 0.77
N ILE A 1176 35.41 20.86 1.15
CA ILE A 1176 35.91 20.54 2.49
C ILE A 1176 35.01 21.15 3.55
N SER A 1177 34.66 22.42 3.38
CA SER A 1177 33.77 23.09 4.32
C SER A 1177 32.39 22.44 4.32
N SER A 1178 31.91 22.02 3.15
CA SER A 1178 30.62 21.35 3.06
C SER A 1178 30.65 20.04 3.82
N MET A 1179 31.74 19.28 3.71
CA MET A 1179 31.84 18.02 4.44
C MET A 1179 31.86 18.25 5.94
N VAL A 1180 32.66 19.22 6.41
CA VAL A 1180 32.74 19.46 7.85
C VAL A 1180 31.40 19.97 8.38
N ASN A 1181 30.68 20.74 7.56
CA ASN A 1181 29.39 21.26 8.03
C ASN A 1181 28.27 20.24 7.88
N PHE A 1182 28.43 19.28 6.98
CA PHE A 1182 27.52 18.13 6.98
C PHE A 1182 27.76 17.27 8.22
N GLY A 1183 29.00 17.18 8.69
CA GLY A 1183 29.24 16.58 9.99
C GLY A 1183 28.59 17.36 11.11
N THR A 1184 28.68 18.69 11.05
CA THR A 1184 27.97 19.53 12.01
C THR A 1184 26.48 19.26 11.98
N GLY A 1185 25.90 19.11 10.79
CA GLY A 1185 24.49 18.79 10.69
C GLY A 1185 24.17 17.40 11.23
N TYR A 1186 25.07 16.45 11.01
CA TYR A 1186 24.90 15.12 11.58
C TYR A 1186 24.91 15.16 13.10
N LYS A 1187 25.59 16.14 13.70
CA LYS A 1187 25.43 16.37 15.14
C LYS A 1187 23.97 16.64 15.48
N SER A 1188 23.32 17.50 14.70
CA SER A 1188 21.90 17.76 14.95
C SER A 1188 21.06 16.52 14.68
N LEU A 1189 21.41 15.75 13.66
CA LEU A 1189 20.74 14.46 13.43
C LEU A 1189 20.85 13.55 14.64
N LYS A 1190 22.01 13.54 15.29
CA LYS A 1190 22.15 12.80 16.54
C LYS A 1190 21.23 13.37 17.61
N LEU A 1191 21.06 14.69 17.64
CA LEU A 1191 20.11 15.29 18.56
C LEU A 1191 18.68 14.82 18.28
N PHE A 1192 18.36 14.61 17.00
CA PHE A 1192 17.01 14.20 16.62
C PHE A 1192 16.57 12.92 17.33
N PHE A 1193 17.41 11.88 17.27
CA PHE A 1193 17.07 10.60 17.87
C PHE A 1193 16.90 10.72 19.38
N ARG A 1194 17.73 11.54 20.02
CA ARG A 1194 17.62 11.75 21.46
C ARG A 1194 16.31 12.44 21.81
N ASN A 1195 15.85 13.35 20.95
CA ASN A 1195 14.64 14.11 21.20
C ASN A 1195 13.47 13.69 20.33
N ARG A 1196 13.48 12.47 19.78
CA ARG A 1196 12.39 12.03 18.92
C ARG A 1196 11.06 11.93 19.67
N ASN A 1197 11.08 11.40 20.89
CA ASN A 1197 9.85 11.19 21.65
C ASN A 1197 9.52 12.32 22.61
N THR A 1198 10.32 13.38 22.65
CA THR A 1198 10.07 14.48 23.58
C THR A 1198 8.80 15.22 23.19
N SER A 1199 8.27 16.00 24.13
CA SER A 1199 7.05 16.74 23.90
C SER A 1199 7.27 17.83 22.85
N LYS A 1200 6.16 18.36 22.34
CA LYS A 1200 6.25 19.36 21.28
C LYS A 1200 7.00 20.60 21.75
N LEU A 1201 6.72 21.07 22.97
CA LEU A 1201 7.41 22.26 23.47
C LEU A 1201 8.90 21.99 23.63
N ASN A 1202 9.27 20.82 24.19
CA ASN A 1202 10.67 20.48 24.34
C ASN A 1202 11.35 20.34 22.99
N PHE A 1203 10.68 19.68 22.05
CA PHE A 1203 11.22 19.54 20.69
C PHE A 1203 11.49 20.91 20.07
N LEU A 1204 10.50 21.79 20.12
CA LEU A 1204 10.64 23.11 19.50
C LEU A 1204 11.75 23.91 20.16
N LYS A 1205 11.81 23.89 21.50
CA LYS A 1205 12.84 24.64 22.20
C LYS A 1205 14.23 24.11 21.89
N THR A 1206 14.39 22.78 21.89
CA THR A 1206 15.69 22.18 21.58
C THR A 1206 16.10 22.53 20.15
N MET A 1207 15.16 22.42 19.21
CA MET A 1207 15.48 22.70 17.82
C MET A 1207 15.85 24.16 17.63
N ALA A 1208 15.11 25.06 18.30
CA ALA A 1208 15.39 26.48 18.19
C ALA A 1208 16.76 26.83 18.78
N LEU A 1209 17.08 26.26 19.96
CA LEU A 1209 18.38 26.55 20.56
C LEU A 1209 19.53 26.03 19.70
N GLU A 1210 19.39 24.80 19.20
CA GLU A 1210 20.44 24.24 18.35
C GLU A 1210 20.62 25.07 17.08
N LEU A 1211 19.51 25.40 16.42
CA LEU A 1211 19.59 26.21 15.21
C LEU A 1211 20.22 27.56 15.50
N PHE A 1212 19.77 28.22 16.58
CA PHE A 1212 20.32 29.53 16.92
C PHE A 1212 21.83 29.44 17.12
N LYS A 1213 22.28 28.52 17.98
CA LYS A 1213 23.69 28.47 18.37
C LYS A 1213 24.58 28.09 17.19
N GLN A 1214 24.21 27.07 16.42
CA GLN A 1214 25.07 26.61 15.34
C GLN A 1214 24.75 27.30 14.02
N GLY A 1215 23.82 28.25 14.05
CA GLY A 1215 23.46 29.08 12.93
C GLY A 1215 23.80 30.54 13.18
N PHE A 1216 22.82 31.26 13.74
CA PHE A 1216 22.92 32.72 13.81
C PHE A 1216 24.05 33.16 14.72
N LEU A 1217 24.44 32.32 15.69
CA LEU A 1217 25.61 32.65 16.50
C LEU A 1217 26.86 32.65 15.64
N HIS A 1218 27.04 31.62 14.81
CA HIS A 1218 28.15 31.58 13.87
C HIS A 1218 28.06 32.75 12.89
N MET A 1219 26.83 33.08 12.48
CA MET A 1219 26.57 34.25 11.64
C MET A 1219 27.14 35.51 12.28
N VAL A 1220 26.83 35.74 13.55
CA VAL A 1220 27.19 36.98 14.24
C VAL A 1220 28.70 37.02 14.51
N ILE A 1221 29.28 35.89 14.94
CA ILE A 1221 30.67 35.90 15.36
C ILE A 1221 31.59 36.35 14.25
N TYR A 1222 31.32 35.91 13.02
CA TYR A 1222 32.24 36.12 11.91
C TYR A 1222 31.70 37.13 10.91
N VAL A 1223 30.50 36.92 10.37
CA VAL A 1223 30.07 37.67 9.20
C VAL A 1223 29.67 39.10 9.56
N LEU A 1224 28.89 39.26 10.64
CA LEU A 1224 28.33 40.57 10.96
C LEU A 1224 29.39 41.66 11.20
N PRO A 1225 30.48 41.41 11.94
CA PRO A 1225 31.51 42.45 12.04
C PRO A 1225 32.05 42.85 10.68
N ILE A 1226 32.20 41.87 9.78
CA ILE A 1226 32.66 42.18 8.42
C ILE A 1226 31.61 42.99 7.68
N ILE A 1227 30.33 42.72 7.94
CA ILE A 1227 29.25 43.48 7.32
C ILE A 1227 29.35 44.95 7.72
N ILE A 1228 29.51 45.19 9.03
CA ILE A 1228 29.61 46.56 9.52
C ILE A 1228 30.85 47.24 8.97
N LEU A 1229 31.97 46.51 8.96
CA LEU A 1229 33.24 47.09 8.53
C LEU A 1229 33.23 47.39 7.05
N SER A 1230 32.49 46.59 6.27
CA SER A 1230 32.35 46.86 4.84
C SER A 1230 31.38 48.01 4.58
N THR A 1264 44.12 55.80 1.07
CA THR A 1264 44.17 56.52 2.33
C THR A 1264 44.19 55.53 3.50
N ARG A 1265 44.10 56.09 4.71
CA ARG A 1265 44.27 55.27 5.91
C ARG A 1265 43.11 54.31 6.13
N MET A 1266 41.94 54.60 5.56
CA MET A 1266 40.76 53.78 5.85
C MET A 1266 40.88 52.39 5.23
N GLN A 1267 41.52 52.29 4.05
CA GLN A 1267 41.78 50.97 3.47
C GLN A 1267 42.64 50.13 4.40
N ASP A 1268 43.74 50.71 4.87
CA ASP A 1268 44.64 49.99 5.77
C ASP A 1268 43.94 49.62 7.07
N ILE A 1269 43.12 50.53 7.59
CA ILE A 1269 42.39 50.25 8.83
C ILE A 1269 41.45 49.07 8.62
N TYR A 1270 40.68 49.08 7.54
CA TYR A 1270 39.76 47.98 7.25
C TYR A 1270 40.51 46.66 7.19
N PHE A 1271 41.56 46.61 6.37
CA PHE A 1271 42.24 45.33 6.14
C PHE A 1271 42.96 44.86 7.39
N GLY A 1272 43.61 45.76 8.12
CA GLY A 1272 44.27 45.41 9.35
C GLY A 1272 43.30 44.92 10.41
N LEU A 1273 42.14 45.55 10.51
CA LEU A 1273 41.15 45.11 11.49
C LEU A 1273 40.63 43.72 11.15
N LEU A 1274 40.36 43.46 9.86
CA LEU A 1274 39.88 42.15 9.47
C LEU A 1274 40.95 41.08 9.71
N ILE A 1275 42.21 41.40 9.39
CA ILE A 1275 43.31 40.49 9.65
C ILE A 1275 43.42 40.22 11.15
N ALA A 1276 43.29 41.27 11.97
CA ALA A 1276 43.42 41.11 13.42
C ALA A 1276 42.30 40.24 13.98
N LEU A 1277 41.07 40.43 13.52
CA LEU A 1277 39.97 39.62 14.04
C LEU A 1277 40.12 38.16 13.61
N GLU A 1278 40.52 37.93 12.36
CA GLU A 1278 40.76 36.57 11.90
C GLU A 1278 41.88 35.92 12.71
N SER A 1279 42.96 36.66 12.96
CA SER A 1279 44.07 36.13 13.73
C SER A 1279 43.65 35.84 15.16
N PHE A 1280 42.80 36.69 15.75
CA PHE A 1280 42.32 36.44 17.10
C PHE A 1280 41.47 35.18 17.17
N THR A 1281 40.59 34.98 16.19
CA THR A 1281 39.80 33.75 16.17
C THR A 1281 40.70 32.53 16.00
N PHE A 1282 41.67 32.60 15.10
CA PHE A 1282 42.60 31.49 14.91
C PHE A 1282 43.38 31.20 16.17
N PHE A 1283 43.85 32.25 16.85
CA PHE A 1283 44.62 32.09 18.08
C PHE A 1283 43.76 31.47 19.18
N PHE A 1284 42.50 31.90 19.29
CA PHE A 1284 41.62 31.32 20.30
C PHE A 1284 41.37 29.84 20.03
N GLN A 1285 41.11 29.50 18.76
CA GLN A 1285 40.89 28.09 18.42
C GLN A 1285 42.15 27.26 18.69
N ALA A 1286 43.32 27.77 18.31
CA ALA A 1286 44.56 27.05 18.55
C ALA A 1286 44.84 26.90 20.04
N THR A 1287 44.53 27.95 20.82
CA THR A 1287 44.73 27.86 22.27
C THR A 1287 43.82 26.82 22.90
N VAL A 1288 42.56 26.77 22.48
CA VAL A 1288 41.65 25.75 23.01
C VAL A 1288 42.12 24.36 22.64
N LEU A 1289 42.52 24.17 21.38
CA LEU A 1289 43.03 22.88 20.95
C LEU A 1289 44.28 22.49 21.71
N PHE A 1290 45.18 23.46 21.96
CA PHE A 1290 46.41 23.17 22.68
C PHE A 1290 46.14 22.85 24.14
N ILE A 1291 45.14 23.50 24.74
CA ILE A 1291 44.77 23.18 26.12
C ILE A 1291 44.23 21.76 26.21
N GLN A 1292 43.36 21.38 25.28
CA GLN A 1292 42.85 20.01 25.26
C GLN A 1292 43.99 19.01 25.04
N TRP A 1293 44.90 19.34 24.11
CA TRP A 1293 46.04 18.48 23.84
C TRP A 1293 46.93 18.33 25.06
#